data_2Z9W
#
_entry.id   2Z9W
#
_cell.length_a   68.732
_cell.length_b   68.732
_cell.length_c   311.500
_cell.angle_alpha   90.00
_cell.angle_beta   90.00
_cell.angle_gamma   90.00
#
_symmetry.space_group_name_H-M   'P 43 21 2'
#
loop_
_entity.id
_entity.type
_entity.pdbx_description
1 polymer 'Aspartate aminotransferase'
2 non-polymer 'SULFATE ION'
3 non-polymer 3-HYDROXY-5-(HYDROXYMETHYL)-2-METHYLISONICOTINALDEHYDE
4 non-polymer GLYCEROL
5 water water
#
_entity_poly.entity_id   1
_entity_poly.type   'polypeptide(L)'
_entity_poly.pdbx_seq_one_letter_code
;MRYPEHADPVITLTAGPVNAYPEVLRGLGRTVLYDYDPAFQLLYEKVVDKAQKAMRLSNKPVILHGEPVLGLEAAAASLI
SPDDVVLNLASGVYGKGFGYWAKRYSPHLLEIEVPYNEAIDPQAVADMLKAHPEITVVSVCHHDTPSGTINPIDAIGALV
SAHGAYLIVDAVSSFGGMKTHPEDCKADIYVTGPNKCLGAPPGLTMMGVSERAWAKMKANPLAPRASMLSIVDWENAWSR
DKPFPFTPSVSEINGLDVALDLYLNEGPEAVWARHALTAKAMRAGVTAMGLSVWAASDSIASPTTTAVRTPDGVDEKALR
QAARARYGVVFSSGRGETLGKLTRIGHMGPTAQPIYAIAALTALGGAMNAAGRKLAIGKGIEAALAVIDADA
;
_entity_poly.pdbx_strand_id   A,B
#
loop_
_chem_comp.id
_chem_comp.type
_chem_comp.name
_chem_comp.formula
GOL non-polymer GLYCEROL 'C3 H8 O3'
PXL non-polymer 3-HYDROXY-5-(HYDROXYMETHYL)-2-METHYLISONICOTINALDEHYDE 'C8 H9 N O3'
SO4 non-polymer 'SULFATE ION' 'O4 S -2'
#
# COMPACT_ATOMS: atom_id res chain seq x y z
N MET A 1 -24.89 -30.81 2.25
CA MET A 1 -24.73 -29.39 2.70
C MET A 1 -24.02 -28.59 1.62
N ARG A 2 -24.24 -27.28 1.65
CA ARG A 2 -23.53 -26.35 0.77
C ARG A 2 -23.06 -25.14 1.53
N TYR A 3 -21.90 -24.62 1.13
CA TYR A 3 -21.34 -23.40 1.69
C TYR A 3 -21.81 -22.22 0.85
N PRO A 4 -22.52 -21.27 1.47
CA PRO A 4 -22.96 -20.12 0.68
C PRO A 4 -21.77 -19.25 0.26
N GLU A 5 -21.92 -18.58 -0.87
CA GLU A 5 -20.86 -17.72 -1.40
C GLU A 5 -20.53 -16.54 -0.48
N HIS A 6 -21.53 -16.07 0.26
CA HIS A 6 -21.38 -14.89 1.12
CA HIS A 6 -21.38 -14.89 1.12
C HIS A 6 -20.68 -15.21 2.44
N ALA A 7 -20.68 -16.48 2.85
CA ALA A 7 -20.03 -16.87 4.09
C ALA A 7 -18.58 -17.25 3.83
N ASP A 8 -17.76 -17.20 4.88
N ASP A 8 -17.73 -17.13 4.86
CA ASP A 8 -16.33 -17.52 4.80
CA ASP A 8 -16.29 -17.46 4.77
C ASP A 8 -16.09 -18.96 4.38
C ASP A 8 -16.08 -18.92 4.38
N PRO A 9 -14.97 -19.22 3.66
CA PRO A 9 -14.70 -20.62 3.31
C PRO A 9 -14.06 -21.34 4.49
N VAL A 10 -13.82 -22.63 4.31
CA VAL A 10 -13.18 -23.44 5.36
C VAL A 10 -11.66 -23.45 5.21
N ILE A 11 -11.18 -23.72 4.00
CA ILE A 11 -9.73 -23.71 3.73
C ILE A 11 -9.46 -22.99 2.41
N THR A 12 -8.60 -21.98 2.47
CA THR A 12 -8.20 -21.24 1.29
C THR A 12 -6.84 -21.77 0.81
N LEU A 13 -6.84 -22.36 -0.39
CA LEU A 13 -5.66 -22.99 -0.96
C LEU A 13 -5.34 -22.36 -2.31
N THR A 14 -5.33 -21.03 -2.30
CA THR A 14 -5.11 -20.22 -3.50
C THR A 14 -3.64 -19.85 -3.67
N ALA A 15 -3.31 -19.20 -4.79
CA ALA A 15 -1.92 -18.84 -5.12
C ALA A 15 -1.65 -17.34 -5.00
N GLY A 16 -2.50 -16.63 -4.26
CA GLY A 16 -2.28 -15.21 -4.00
C GLY A 16 -3.49 -14.35 -4.30
N PRO A 17 -3.97 -13.57 -3.29
CA PRO A 17 -3.58 -13.61 -1.89
C PRO A 17 -3.74 -15.02 -1.33
N VAL A 18 -3.13 -15.25 -0.17
CA VAL A 18 -3.25 -16.52 0.54
C VAL A 18 -3.51 -16.14 2.00
N ASN A 19 -3.96 -17.07 2.83
N ASN A 19 -3.98 -17.08 2.82
CA ASN A 19 -4.11 -16.79 4.26
CA ASN A 19 -4.11 -16.78 4.24
C ASN A 19 -2.74 -16.50 4.83
C ASN A 19 -2.76 -16.55 4.87
N ALA A 20 -2.71 -15.56 5.76
CA ALA A 20 -1.47 -15.19 6.42
C ALA A 20 -1.30 -16.10 7.64
N TYR A 21 -0.05 -16.25 8.08
CA TYR A 21 0.21 -16.92 9.35
C TYR A 21 -0.55 -16.24 10.48
N PRO A 22 -1.11 -17.01 11.42
CA PRO A 22 -1.87 -16.39 12.52
C PRO A 22 -1.03 -15.37 13.30
N GLU A 23 0.26 -15.63 13.48
CA GLU A 23 1.14 -14.72 14.21
C GLU A 23 1.30 -13.40 13.47
N VAL A 24 1.33 -13.48 12.14
CA VAL A 24 1.42 -12.26 11.32
C VAL A 24 0.16 -11.43 11.52
N LEU A 25 -1.00 -12.10 11.49
CA LEU A 25 -2.27 -11.40 11.66
C LEU A 25 -2.34 -10.68 13.00
N ARG A 26 -1.81 -11.31 14.04
CA ARG A 26 -1.75 -10.66 15.36
CA ARG A 26 -1.77 -10.65 15.35
C ARG A 26 -0.74 -9.53 15.35
N GLY A 27 0.35 -9.72 14.61
CA GLY A 27 1.37 -8.68 14.42
C GLY A 27 0.80 -7.40 13.78
N LEU A 28 -0.08 -7.57 12.80
CA LEU A 28 -0.75 -6.43 12.16
C LEU A 28 -1.49 -5.57 13.19
N GLY A 29 -1.86 -6.19 14.31
CA GLY A 29 -2.65 -5.53 15.36
C GLY A 29 -1.84 -4.82 16.43
N ARG A 30 -0.52 -4.78 16.25
CA ARG A 30 0.34 -4.01 17.17
C ARG A 30 -0.09 -2.55 17.19
N THR A 31 0.12 -1.88 18.32
CA THR A 31 -0.14 -0.44 18.41
C THR A 31 0.59 0.28 17.28
N VAL A 32 -0.12 1.21 16.62
CA VAL A 32 0.47 1.96 15.51
C VAL A 32 1.21 3.17 16.08
N LEU A 33 2.53 3.19 15.89
CA LEU A 33 3.36 4.30 16.35
C LEU A 33 3.48 5.39 15.29
N TYR A 34 3.75 6.62 15.75
CA TYR A 34 4.22 7.67 14.86
C TYR A 34 5.48 7.13 14.15
N ASP A 35 5.58 7.35 12.84
CA ASP A 35 6.75 6.83 12.09
C ASP A 35 8.07 7.45 12.53
N TYR A 36 8.02 8.66 13.07
CA TYR A 36 9.21 9.28 13.62
C TYR A 36 9.39 9.11 15.13
N ASP A 37 8.54 8.28 15.73
CA ASP A 37 8.82 7.81 17.08
C ASP A 37 10.13 7.01 17.02
N PRO A 38 11.07 7.26 17.95
CA PRO A 38 12.33 6.52 17.89
C PRO A 38 12.18 4.99 17.93
N ALA A 39 11.11 4.50 18.58
CA ALA A 39 10.89 3.05 18.64
C ALA A 39 10.49 2.50 17.28
N PHE A 40 9.76 3.29 16.50
CA PHE A 40 9.43 2.86 15.14
C PHE A 40 10.63 2.97 14.20
N GLN A 41 11.39 4.06 14.32
CA GLN A 41 12.62 4.25 13.54
C GLN A 41 13.56 3.06 13.72
N LEU A 42 13.71 2.61 14.97
CA LEU A 42 14.53 1.44 15.27
C LEU A 42 13.93 0.17 14.65
N LEU A 43 12.62 -0.03 14.87
CA LEU A 43 11.92 -1.19 14.34
C LEU A 43 12.09 -1.30 12.83
N TYR A 44 11.87 -0.17 12.14
CA TYR A 44 11.97 -0.16 10.68
C TYR A 44 13.37 -0.59 10.22
N GLU A 45 14.40 -0.05 10.88
CA GLU A 45 15.78 -0.40 10.56
C GLU A 45 16.02 -1.88 10.74
N LYS A 46 15.52 -2.40 11.87
CA LYS A 46 15.62 -3.82 12.21
CA LYS A 46 15.68 -3.81 12.17
C LYS A 46 14.89 -4.72 11.22
N VAL A 47 13.77 -4.22 10.69
CA VAL A 47 13.03 -5.00 9.66
C VAL A 47 13.86 -5.09 8.38
N VAL A 48 14.48 -3.99 7.99
CA VAL A 48 15.35 -4.02 6.82
C VAL A 48 16.51 -5.01 7.07
N ASP A 49 17.06 -5.00 8.29
CA ASP A 49 18.13 -5.95 8.65
C ASP A 49 17.66 -7.41 8.49
N LYS A 50 16.46 -7.70 8.97
CA LYS A 50 15.89 -9.05 8.89
C LYS A 50 15.68 -9.43 7.44
N ALA A 51 15.18 -8.49 6.64
CA ALA A 51 14.99 -8.74 5.22
C ALA A 51 16.33 -9.04 4.54
N GLN A 52 17.36 -8.26 4.89
CA GLN A 52 18.70 -8.46 4.32
C GLN A 52 19.20 -9.87 4.66
N LYS A 53 19.01 -10.28 5.91
CA LYS A 53 19.41 -11.62 6.35
C LYS A 53 18.64 -12.71 5.59
N ALA A 54 17.31 -12.58 5.52
CA ALA A 54 16.48 -13.56 4.82
C ALA A 54 16.83 -13.66 3.31
N MET A 55 17.17 -12.53 2.70
CA MET A 55 17.49 -12.49 1.28
C MET A 55 18.94 -12.81 1.00
N ARG A 56 19.71 -13.09 2.08
CA ARG A 56 21.17 -13.38 1.99
C ARG A 56 21.91 -12.28 1.24
N LEU A 57 21.50 -11.03 1.48
CA LEU A 57 21.99 -9.89 0.70
C LEU A 57 23.25 -9.28 1.28
N SER A 58 24.16 -8.85 0.41
CA SER A 58 25.41 -8.19 0.83
C SER A 58 25.18 -6.72 1.15
N ASN A 59 24.08 -6.16 0.67
CA ASN A 59 23.67 -4.79 1.00
C ASN A 59 22.20 -4.73 1.42
N LYS A 60 21.71 -3.56 1.78
CA LYS A 60 20.35 -3.43 2.29
C LYS A 60 19.32 -3.56 1.18
N PRO A 61 18.27 -4.40 1.40
CA PRO A 61 17.16 -4.41 0.44
C PRO A 61 16.34 -3.14 0.68
N VAL A 62 15.60 -2.72 -0.33
CA VAL A 62 14.69 -1.58 -0.19
C VAL A 62 13.29 -2.10 0.03
N ILE A 63 12.62 -1.60 1.06
CA ILE A 63 11.19 -1.88 1.20
C ILE A 63 10.39 -0.73 0.57
N LEU A 64 9.51 -1.07 -0.35
CA LEU A 64 8.63 -0.06 -0.97
C LEU A 64 7.21 -0.30 -0.46
N HIS A 65 6.43 0.78 -0.39
CA HIS A 65 5.15 0.72 0.32
C HIS A 65 3.95 0.55 -0.60
N GLY A 66 4.04 -0.49 -1.41
CA GLY A 66 2.93 -0.94 -2.24
C GLY A 66 3.19 -2.40 -2.51
N GLU A 67 2.18 -3.13 -2.96
CA GLU A 67 2.41 -4.54 -3.25
C GLU A 67 3.34 -4.66 -4.47
N PRO A 68 3.97 -5.83 -4.65
CA PRO A 68 5.08 -5.97 -5.59
C PRO A 68 4.94 -5.51 -7.04
N VAL A 69 3.73 -5.37 -7.59
CA VAL A 69 3.63 -4.73 -8.92
C VAL A 69 4.26 -3.34 -8.91
N LEU A 70 4.24 -2.67 -7.75
CA LEU A 70 4.96 -1.39 -7.60
C LEU A 70 6.46 -1.56 -7.85
N GLY A 71 7.05 -2.58 -7.23
CA GLY A 71 8.46 -2.86 -7.43
C GLY A 71 8.80 -3.18 -8.89
N LEU A 72 7.96 -3.97 -9.56
CA LEU A 72 8.18 -4.31 -10.98
C LEU A 72 8.12 -3.08 -11.87
N GLU A 73 7.06 -2.28 -11.70
CA GLU A 73 6.91 -1.04 -12.47
C GLU A 73 8.06 -0.07 -12.19
N ALA A 74 8.43 0.09 -10.93
CA ALA A 74 9.45 1.05 -10.50
C ALA A 74 10.82 0.61 -11.04
N ALA A 75 11.05 -0.71 -11.07
CA ALA A 75 12.32 -1.24 -11.59
C ALA A 75 12.44 -0.89 -13.08
N ALA A 76 11.38 -1.13 -13.84
CA ALA A 76 11.35 -0.75 -15.26
C ALA A 76 11.60 0.75 -15.43
N ALA A 77 10.89 1.56 -14.62
CA ALA A 77 10.96 3.00 -14.74
C ALA A 77 12.31 3.61 -14.41
N SER A 78 13.07 2.95 -13.53
CA SER A 78 14.33 3.48 -13.02
C SER A 78 15.55 2.88 -13.73
N LEU A 79 15.49 1.59 -14.03
CA LEU A 79 16.67 0.88 -14.57
C LEU A 79 16.75 0.91 -16.09
N ILE A 80 15.61 1.13 -16.74
CA ILE A 80 15.54 1.11 -18.20
C ILE A 80 15.48 2.55 -18.73
N SER A 81 16.56 2.96 -19.39
CA SER A 81 16.66 4.27 -20.05
C SER A 81 16.31 4.14 -21.54
N PRO A 82 15.99 5.27 -22.22
CA PRO A 82 15.59 5.15 -23.64
C PRO A 82 16.65 4.59 -24.59
N ASP A 83 17.93 4.58 -24.19
N ASP A 83 17.92 4.57 -24.15
CA ASP A 83 18.96 3.99 -25.05
CA ASP A 83 19.04 4.05 -24.94
C ASP A 83 19.22 2.52 -24.76
C ASP A 83 19.45 2.62 -24.57
N ASP A 84 18.72 2.03 -23.62
CA ASP A 84 18.88 0.61 -23.28
C ASP A 84 18.22 -0.29 -24.34
N VAL A 85 18.80 -1.47 -24.53
CA VAL A 85 18.17 -2.50 -25.33
C VAL A 85 17.79 -3.62 -24.37
N VAL A 86 16.48 -3.85 -24.28
CA VAL A 86 15.92 -4.78 -23.30
C VAL A 86 15.57 -6.12 -23.93
N LEU A 87 16.04 -7.20 -23.31
CA LEU A 87 15.57 -8.54 -23.67
C LEU A 87 14.62 -9.02 -22.59
N ASN A 88 13.36 -9.14 -22.95
CA ASN A 88 12.35 -9.67 -22.03
C ASN A 88 12.14 -11.16 -22.27
N LEU A 89 12.09 -11.93 -21.19
CA LEU A 89 11.83 -13.36 -21.30
C LEU A 89 10.42 -13.66 -20.82
N ALA A 90 9.63 -14.32 -21.68
CA ALA A 90 8.22 -14.53 -21.41
C ALA A 90 7.82 -16.01 -21.51
N SER A 91 7.50 -16.63 -20.36
CA SER A 91 6.97 -17.98 -20.34
C SER A 91 5.57 -18.03 -19.74
N GLY A 92 4.93 -16.87 -19.63
CA GLY A 92 3.63 -16.81 -19.00
C GLY A 92 3.16 -15.38 -18.88
N VAL A 93 2.12 -15.19 -18.08
CA VAL A 93 1.41 -13.92 -18.01
C VAL A 93 2.24 -12.78 -17.42
N TYR A 94 2.91 -13.03 -16.29
CA TYR A 94 3.75 -11.99 -15.68
C TYR A 94 4.94 -11.65 -16.58
N GLY A 95 5.59 -12.68 -17.10
CA GLY A 95 6.76 -12.46 -17.95
C GLY A 95 6.39 -11.60 -19.15
N LYS A 96 5.33 -12.00 -19.86
CA LYS A 96 4.87 -11.21 -21.00
C LYS A 96 4.50 -9.79 -20.59
N GLY A 97 3.77 -9.67 -19.47
CA GLY A 97 3.34 -8.37 -18.96
C GLY A 97 4.49 -7.41 -18.75
N PHE A 98 5.64 -7.93 -18.28
CA PHE A 98 6.74 -7.05 -17.98
C PHE A 98 7.26 -6.30 -19.21
N GLY A 99 7.23 -6.97 -20.35
CA GLY A 99 7.68 -6.40 -21.62
C GLY A 99 6.97 -5.09 -21.95
N TYR A 100 5.70 -5.02 -21.57
CA TYR A 100 4.92 -3.79 -21.81
C TYR A 100 5.46 -2.63 -20.99
N TRP A 101 5.89 -2.91 -19.76
CA TRP A 101 6.55 -1.86 -18.96
C TRP A 101 7.92 -1.53 -19.54
N ALA A 102 8.65 -2.54 -20.02
CA ALA A 102 9.96 -2.24 -20.62
C ALA A 102 9.80 -1.28 -21.80
N LYS A 103 8.83 -1.57 -22.66
CA LYS A 103 8.56 -0.79 -23.87
C LYS A 103 8.13 0.64 -23.53
N ARG A 104 7.53 0.82 -22.35
CA ARG A 104 7.22 2.15 -21.86
C ARG A 104 8.48 3.02 -21.67
N TYR A 105 9.62 2.41 -21.34
CA TYR A 105 10.81 3.17 -20.93
C TYR A 105 11.97 3.12 -21.93
N SER A 106 11.87 2.19 -22.87
CA SER A 106 12.80 2.13 -24.01
C SER A 106 12.08 1.56 -25.20
N PRO A 107 12.31 2.15 -26.39
CA PRO A 107 11.68 1.64 -27.59
C PRO A 107 12.36 0.36 -28.10
N HIS A 108 13.51 0.01 -27.51
CA HIS A 108 14.28 -1.14 -27.97
C HIS A 108 13.98 -2.38 -27.13
N LEU A 109 13.10 -3.22 -27.65
CA LEU A 109 12.68 -4.45 -26.98
C LEU A 109 12.86 -5.69 -27.86
N LEU A 110 13.63 -6.64 -27.36
CA LEU A 110 13.72 -7.98 -27.91
C LEU A 110 13.05 -8.91 -26.92
N GLU A 111 12.54 -10.03 -27.41
CA GLU A 111 11.83 -10.98 -26.55
C GLU A 111 12.02 -12.43 -26.95
N ILE A 112 12.25 -13.28 -25.94
CA ILE A 112 12.09 -14.72 -26.09
C ILE A 112 10.78 -15.13 -25.41
N GLU A 113 9.91 -15.75 -26.19
CA GLU A 113 8.62 -16.22 -25.66
C GLU A 113 8.47 -17.71 -25.94
N VAL A 114 8.00 -18.44 -24.92
CA VAL A 114 7.72 -19.88 -25.04
C VAL A 114 6.25 -20.10 -24.67
N PRO A 115 5.68 -21.26 -25.07
CA PRO A 115 4.33 -21.63 -24.62
C PRO A 115 4.17 -21.52 -23.11
N TYR A 116 2.95 -21.22 -22.68
CA TYR A 116 2.70 -20.88 -21.28
C TYR A 116 2.59 -22.07 -20.32
N ASN A 117 3.06 -23.25 -20.75
CA ASN A 117 3.32 -24.35 -19.80
C ASN A 117 4.77 -24.80 -19.88
N GLU A 118 5.60 -24.00 -20.57
CA GLU A 118 7.01 -24.32 -20.74
C GLU A 118 7.91 -23.35 -19.98
N ALA A 119 9.21 -23.64 -19.95
CA ALA A 119 10.17 -22.78 -19.28
C ALA A 119 11.13 -22.20 -20.31
N ILE A 120 11.74 -21.06 -19.98
CA ILE A 120 12.76 -20.46 -20.84
C ILE A 120 14.00 -21.36 -20.80
N ASP A 121 14.57 -21.62 -21.99
CA ASP A 121 15.80 -22.40 -22.12
C ASP A 121 17.02 -21.47 -21.98
N PRO A 122 17.89 -21.72 -20.98
CA PRO A 122 19.06 -20.86 -20.86
C PRO A 122 19.86 -20.82 -22.15
N GLN A 123 19.88 -21.92 -22.90
CA GLN A 123 20.62 -21.91 -24.17
C GLN A 123 20.04 -20.93 -25.17
N ALA A 124 18.71 -20.81 -25.19
CA ALA A 124 18.05 -19.82 -26.05
C ALA A 124 18.45 -18.39 -25.65
N VAL A 125 18.67 -18.17 -24.35
CA VAL A 125 19.11 -16.86 -23.85
C VAL A 125 20.53 -16.58 -24.31
N ALA A 126 21.39 -17.58 -24.21
CA ALA A 126 22.77 -17.46 -24.65
C ALA A 126 22.82 -17.17 -26.14
N ASP A 127 22.03 -17.90 -26.91
CA ASP A 127 21.96 -17.73 -28.37
C ASP A 127 21.54 -16.30 -28.71
N MET A 128 20.54 -15.78 -27.99
CA MET A 128 20.02 -14.44 -28.23
C MET A 128 21.04 -13.35 -27.87
N LEU A 129 21.73 -13.54 -26.75
CA LEU A 129 22.73 -12.58 -26.31
C LEU A 129 23.90 -12.53 -27.30
N LYS A 130 24.21 -13.68 -27.90
CA LYS A 130 25.27 -13.74 -28.91
C LYS A 130 24.83 -13.00 -30.18
N ALA A 131 23.57 -13.24 -30.58
CA ALA A 131 23.00 -12.59 -31.77
C ALA A 131 22.82 -11.08 -31.57
N HIS A 132 22.60 -10.67 -30.33
CA HIS A 132 22.36 -9.28 -30.01
C HIS A 132 23.23 -8.75 -28.87
N PRO A 133 24.54 -8.53 -29.15
CA PRO A 133 25.47 -8.03 -28.14
C PRO A 133 25.09 -6.65 -27.59
N GLU A 134 24.18 -5.95 -28.27
CA GLU A 134 23.79 -4.60 -27.86
C GLU A 134 22.81 -4.60 -26.67
N ILE A 135 22.33 -5.79 -26.30
CA ILE A 135 21.45 -5.95 -25.13
C ILE A 135 22.13 -5.43 -23.86
N THR A 136 21.42 -4.59 -23.09
CA THR A 136 21.95 -4.03 -21.85
C THR A 136 21.14 -4.40 -20.60
N VAL A 137 19.90 -4.83 -20.81
CA VAL A 137 18.98 -5.20 -19.72
C VAL A 137 18.18 -6.44 -20.08
N VAL A 138 18.06 -7.38 -19.14
CA VAL A 138 17.30 -8.59 -19.35
C VAL A 138 16.34 -8.74 -18.19
N SER A 139 15.10 -9.06 -18.51
CA SER A 139 14.06 -9.25 -17.49
C SER A 139 13.47 -10.66 -17.56
N VAL A 140 13.18 -11.24 -16.40
CA VAL A 140 12.73 -12.61 -16.31
C VAL A 140 11.84 -12.75 -15.08
N CYS A 141 10.90 -13.68 -15.16
CA CYS A 141 10.07 -14.03 -14.02
C CYS A 141 10.49 -15.43 -13.56
N HIS A 142 10.70 -15.59 -12.26
CA HIS A 142 11.11 -16.90 -11.71
C HIS A 142 10.00 -17.94 -11.71
N HIS A 143 8.91 -17.63 -11.00
CA HIS A 143 7.72 -18.46 -10.96
C HIS A 143 6.62 -17.66 -11.61
N ASP A 144 6.26 -18.02 -12.85
CA ASP A 144 5.18 -17.30 -13.52
C ASP A 144 3.87 -17.94 -13.06
N THR A 145 3.36 -17.40 -11.95
CA THR A 145 2.36 -18.08 -11.13
C THR A 145 1.10 -18.60 -11.85
N PRO A 146 0.60 -17.84 -12.82
CA PRO A 146 -0.59 -18.30 -13.53
C PRO A 146 -0.42 -19.58 -14.35
N SER A 147 0.82 -20.00 -14.45
CA SER A 147 1.24 -21.24 -15.13
C SER A 147 1.77 -22.30 -14.16
N GLY A 148 2.13 -21.88 -12.95
CA GLY A 148 2.71 -22.82 -11.97
C GLY A 148 4.03 -23.43 -12.42
N THR A 149 4.79 -22.69 -13.22
CA THR A 149 6.07 -23.15 -13.78
C THR A 149 7.23 -22.26 -13.33
N ILE A 150 8.43 -22.83 -13.35
CA ILE A 150 9.65 -22.16 -12.89
C ILE A 150 10.67 -22.00 -14.02
N ASN A 151 11.28 -20.81 -14.11
CA ASN A 151 12.41 -20.56 -15.02
C ASN A 151 13.74 -20.72 -14.30
N PRO A 152 14.74 -21.24 -15.01
CA PRO A 152 16.07 -21.43 -14.44
C PRO A 152 16.84 -20.10 -14.31
N ILE A 153 16.42 -19.27 -13.35
CA ILE A 153 16.98 -17.93 -13.27
C ILE A 153 18.45 -17.83 -12.88
N ASP A 154 18.99 -18.83 -12.17
CA ASP A 154 20.41 -18.77 -11.81
C ASP A 154 21.28 -18.98 -13.06
N ALA A 155 20.93 -19.97 -13.86
CA ALA A 155 21.63 -20.23 -15.13
C ALA A 155 21.51 -19.03 -16.05
N ILE A 156 20.29 -18.48 -16.12
CA ILE A 156 20.05 -17.30 -16.95
C ILE A 156 20.87 -16.11 -16.44
N GLY A 157 20.83 -15.86 -15.14
CA GLY A 157 21.59 -14.76 -14.52
C GLY A 157 23.08 -14.81 -14.80
N ALA A 158 23.62 -16.02 -14.79
CA ALA A 158 25.02 -16.21 -15.10
C ALA A 158 25.34 -15.76 -16.52
N LEU A 159 24.44 -16.05 -17.45
CA LEU A 159 24.66 -15.69 -18.86
C LEU A 159 24.47 -14.19 -19.06
N VAL A 160 23.51 -13.62 -18.35
CA VAL A 160 23.30 -12.17 -18.40
C VAL A 160 24.53 -11.43 -17.89
N SER A 161 25.09 -11.89 -16.78
CA SER A 161 26.31 -11.33 -16.21
C SER A 161 27.48 -11.53 -17.20
N ALA A 162 27.55 -12.68 -17.86
CA ALA A 162 28.64 -12.94 -18.83
C ALA A 162 28.61 -11.95 -19.99
N HIS A 163 27.42 -11.40 -20.26
CA HIS A 163 27.25 -10.45 -21.35
C HIS A 163 27.24 -9.00 -20.88
N GLY A 164 27.55 -8.79 -19.60
CA GLY A 164 27.70 -7.45 -19.01
C GLY A 164 26.40 -6.68 -18.86
N ALA A 165 25.28 -7.40 -18.94
CA ALA A 165 23.96 -6.77 -18.90
C ALA A 165 23.38 -6.76 -17.48
N TYR A 166 22.39 -5.90 -17.25
CA TYR A 166 21.62 -5.89 -15.99
C TYR A 166 20.51 -6.91 -16.02
N LEU A 167 20.18 -7.46 -14.86
CA LEU A 167 19.13 -8.46 -14.74
C LEU A 167 18.06 -7.98 -13.77
N ILE A 168 16.82 -8.00 -14.24
CA ILE A 168 15.64 -7.73 -13.38
C ILE A 168 14.89 -9.04 -13.21
N VAL A 169 14.66 -9.42 -11.96
CA VAL A 169 13.99 -10.67 -11.63
C VAL A 169 12.71 -10.42 -10.85
N ASP A 170 11.62 -11.02 -11.31
CA ASP A 170 10.38 -11.12 -10.53
C ASP A 170 10.44 -12.47 -9.77
N ALA A 171 10.72 -12.40 -8.47
CA ALA A 171 10.67 -13.60 -7.61
C ALA A 171 9.56 -13.47 -6.56
N VAL A 172 8.47 -12.81 -6.93
CA VAL A 172 7.42 -12.53 -5.94
C VAL A 172 6.78 -13.83 -5.39
N SER A 173 6.62 -14.84 -6.25
CA SER A 173 5.92 -16.06 -5.85
C SER A 173 6.87 -17.25 -5.66
N SER A 174 8.16 -16.97 -5.53
CA SER A 174 9.16 -18.02 -5.32
C SER A 174 9.99 -17.78 -4.07
N PHE A 175 10.36 -16.54 -3.80
CA PHE A 175 11.19 -16.25 -2.65
C PHE A 175 10.53 -16.71 -1.35
N GLY A 176 11.29 -17.38 -0.49
CA GLY A 176 10.76 -17.90 0.78
C GLY A 176 10.15 -19.29 0.65
N GLY A 177 9.88 -19.74 -0.58
CA GLY A 177 9.27 -21.07 -0.80
C GLY A 177 10.19 -22.06 -1.49
N MET A 178 11.37 -21.60 -1.86
CA MET A 178 12.38 -22.42 -2.56
C MET A 178 13.70 -21.70 -2.46
N LYS A 179 14.81 -22.38 -2.78
CA LYS A 179 16.11 -21.72 -2.68
C LYS A 179 16.24 -20.70 -3.81
N THR A 180 16.20 -19.43 -3.45
CA THR A 180 16.41 -18.33 -4.40
C THR A 180 16.71 -17.07 -3.62
N HIS A 181 17.72 -16.34 -4.10
CA HIS A 181 18.19 -15.09 -3.49
C HIS A 181 18.77 -14.21 -4.58
N PRO A 182 18.76 -12.87 -4.38
CA PRO A 182 19.39 -11.99 -5.38
C PRO A 182 20.76 -12.46 -5.87
N GLU A 183 21.66 -12.85 -4.99
N GLU A 183 21.63 -12.83 -4.92
CA GLU A 183 23.01 -13.19 -5.45
CA GLU A 183 23.00 -13.29 -5.20
C GLU A 183 23.14 -14.60 -6.04
C GLU A 183 23.03 -14.50 -6.13
N ASP A 184 22.11 -15.43 -5.90
CA ASP A 184 22.09 -16.74 -6.58
C ASP A 184 21.99 -16.58 -8.09
N CYS A 185 21.22 -15.59 -8.54
CA CYS A 185 20.95 -15.37 -9.94
C CYS A 185 21.66 -14.11 -10.46
N LYS A 186 22.56 -13.54 -9.64
CA LYS A 186 23.29 -12.32 -10.00
C LYS A 186 22.32 -11.22 -10.45
N ALA A 187 21.28 -11.01 -9.64
CA ALA A 187 20.27 -10.01 -9.98
C ALA A 187 20.75 -8.61 -9.70
N ASP A 188 20.33 -7.67 -10.54
CA ASP A 188 20.58 -6.26 -10.31
C ASP A 188 19.39 -5.62 -9.62
N ILE A 189 18.19 -5.97 -10.06
CA ILE A 189 16.96 -5.70 -9.27
C ILE A 189 16.21 -7.00 -9.08
N TYR A 190 15.97 -7.36 -7.82
CA TYR A 190 15.28 -8.61 -7.48
C TYR A 190 14.03 -8.22 -6.68
N VAL A 191 12.89 -8.43 -7.29
CA VAL A 191 11.62 -7.98 -6.70
C VAL A 191 10.89 -9.15 -6.07
N THR A 192 10.55 -9.00 -4.80
CA THR A 192 9.68 -9.97 -4.16
C THR A 192 8.79 -9.24 -3.15
N GLY A 193 8.09 -9.99 -2.31
CA GLY A 193 7.20 -9.41 -1.31
C GLY A 193 6.76 -10.52 -0.38
N PRO A 194 6.13 -10.17 0.75
CA PRO A 194 5.77 -11.21 1.71
C PRO A 194 4.41 -11.86 1.48
N ASN A 195 3.76 -11.48 0.38
CA ASN A 195 2.34 -11.82 0.15
C ASN A 195 2.08 -13.12 -0.60
N LYS A 196 3.13 -13.91 -0.81
CA LYS A 196 2.97 -15.24 -1.34
C LYS A 196 3.53 -16.28 -0.32
N CYS A 197 4.72 -16.81 -0.52
CA CYS A 197 5.28 -17.83 0.39
C CYS A 197 5.54 -17.39 1.85
N LEU A 198 5.78 -16.10 2.07
CA LEU A 198 6.11 -15.64 3.42
C LEU A 198 4.87 -15.49 4.33
N GLY A 199 3.67 -15.56 3.76
CA GLY A 199 2.47 -15.65 4.63
C GLY A 199 2.06 -14.36 5.31
N ALA A 200 2.24 -13.25 4.60
CA ALA A 200 1.76 -11.93 5.06
C ALA A 200 0.79 -11.38 4.00
N PRO A 201 -0.07 -10.41 4.37
CA PRO A 201 -0.99 -9.90 3.34
C PRO A 201 -0.30 -8.99 2.32
N PRO A 202 -1.01 -8.66 1.23
CA PRO A 202 -0.45 -7.75 0.23
C PRO A 202 -0.31 -6.32 0.75
N GLY A 203 0.80 -5.67 0.40
CA GLY A 203 0.97 -4.27 0.75
C GLY A 203 2.38 -3.75 0.66
N LEU A 204 3.37 -4.66 0.72
CA LEU A 204 4.77 -4.25 0.72
C LEU A 204 5.59 -4.95 -0.36
N THR A 205 6.67 -4.29 -0.78
CA THR A 205 7.64 -4.85 -1.72
C THR A 205 9.00 -4.96 -1.03
N MET A 206 9.69 -6.08 -1.28
CA MET A 206 11.06 -6.28 -0.78
C MET A 206 11.93 -6.37 -2.03
N MET A 207 12.82 -5.41 -2.19
CA MET A 207 13.62 -5.30 -3.42
C MET A 207 15.12 -5.38 -3.15
N GLY A 208 15.79 -6.37 -3.74
CA GLY A 208 17.26 -6.37 -3.70
C GLY A 208 17.75 -5.50 -4.84
N VAL A 209 18.73 -4.66 -4.56
CA VAL A 209 19.27 -3.72 -5.55
C VAL A 209 20.79 -3.79 -5.52
N SER A 210 21.42 -4.18 -6.63
CA SER A 210 22.89 -4.31 -6.68
C SER A 210 23.52 -2.93 -6.64
N GLU A 211 24.78 -2.85 -6.18
CA GLU A 211 25.47 -1.57 -6.20
C GLU A 211 25.54 -1.00 -7.62
N ARG A 212 25.73 -1.89 -8.59
CA ARG A 212 25.73 -1.48 -10.00
C ARG A 212 24.39 -0.86 -10.42
N ALA A 213 23.29 -1.47 -9.97
CA ALA A 213 21.96 -0.94 -10.26
C ALA A 213 21.75 0.42 -9.57
N TRP A 214 22.23 0.56 -8.34
CA TRP A 214 22.14 1.86 -7.65
C TRP A 214 22.79 2.96 -8.48
N ALA A 215 24.00 2.69 -8.95
CA ALA A 215 24.74 3.66 -9.75
C ALA A 215 24.00 4.00 -11.05
N LYS A 216 23.46 2.98 -11.72
CA LYS A 216 22.74 3.20 -12.97
C LYS A 216 21.51 4.10 -12.74
N MET A 217 20.72 3.78 -11.71
CA MET A 217 19.47 4.52 -11.44
C MET A 217 19.73 5.97 -11.01
N LYS A 218 20.71 6.15 -10.14
CA LYS A 218 21.03 7.47 -9.61
CA LYS A 218 20.99 7.48 -9.62
C LYS A 218 21.53 8.39 -10.71
N ALA A 219 22.17 7.80 -11.73
CA ALA A 219 22.69 8.56 -12.87
C ALA A 219 21.64 8.77 -13.97
N ASN A 220 20.47 8.16 -13.79
CA ASN A 220 19.37 8.27 -14.74
C ASN A 220 18.43 9.43 -14.34
N PRO A 221 18.48 10.54 -15.10
CA PRO A 221 17.64 11.69 -14.68
C PRO A 221 16.13 11.41 -14.85
N LEU A 222 15.79 10.38 -15.62
CA LEU A 222 14.41 9.97 -15.84
C LEU A 222 13.87 9.01 -14.76
N ALA A 223 14.75 8.47 -13.91
CA ALA A 223 14.29 7.58 -12.83
C ALA A 223 13.30 8.36 -11.95
N PRO A 224 12.12 7.76 -11.67
CA PRO A 224 11.18 8.49 -10.81
C PRO A 224 11.76 9.00 -9.49
N ARG A 225 11.44 10.25 -9.19
CA ARG A 225 11.80 10.92 -7.95
C ARG A 225 10.58 11.74 -7.56
N ALA A 226 10.35 11.88 -6.25
CA ALA A 226 9.14 12.53 -5.73
C ALA A 226 7.92 11.85 -6.36
N SER A 227 7.86 10.53 -6.18
CA SER A 227 6.85 9.71 -6.83
C SER A 227 6.70 8.40 -6.08
N MET A 228 5.50 7.82 -6.11
CA MET A 228 5.28 6.47 -5.56
C MET A 228 6.14 5.46 -6.31
N LEU A 229 6.49 5.78 -7.56
CA LEU A 229 7.36 4.91 -8.36
C LEU A 229 8.86 5.04 -8.07
N SER A 230 9.23 5.89 -7.12
CA SER A 230 10.65 6.12 -6.87
C SER A 230 11.28 5.04 -6.00
N ILE A 231 12.36 4.44 -6.53
CA ILE A 231 13.24 3.60 -5.73
C ILE A 231 14.32 4.47 -5.10
N VAL A 232 14.91 5.37 -5.89
CA VAL A 232 16.07 6.15 -5.42
C VAL A 232 15.77 7.00 -4.18
N ASP A 233 14.55 7.55 -4.10
CA ASP A 233 14.14 8.32 -2.93
C ASP A 233 14.20 7.53 -1.62
N TRP A 234 14.07 6.20 -1.72
CA TRP A 234 14.07 5.32 -0.54
C TRP A 234 15.45 4.77 -0.16
N GLU A 235 16.48 5.24 -0.87
CA GLU A 235 17.85 4.71 -0.69
C GLU A 235 18.32 4.62 0.77
N ASN A 236 18.05 5.67 1.56
CA ASN A 236 18.56 5.76 2.93
C ASN A 236 17.48 5.65 4.00
N ALA A 237 16.25 5.35 3.58
CA ALA A 237 15.10 5.31 4.48
C ALA A 237 15.17 4.19 5.52
N TRP A 238 16.06 3.22 5.31
CA TRP A 238 16.27 2.12 6.25
C TRP A 238 16.80 2.63 7.59
N SER A 239 17.52 3.76 7.56
CA SER A 239 18.22 4.25 8.75
C SER A 239 17.33 4.95 9.76
N ARG A 240 17.47 4.59 11.04
CA ARG A 240 16.71 5.21 12.13
C ARG A 240 16.90 6.73 12.25
N ASP A 241 17.95 7.25 11.62
CA ASP A 241 18.26 8.68 11.68
C ASP A 241 17.81 9.46 10.44
N LYS A 242 17.07 8.80 9.55
CA LYS A 242 16.72 9.38 8.25
C LYS A 242 15.21 9.43 8.09
N PRO A 243 14.71 10.37 7.28
CA PRO A 243 13.26 10.47 7.05
C PRO A 243 12.72 9.40 6.10
N PHE A 244 11.39 9.28 6.05
CA PHE A 244 10.73 8.47 5.04
C PHE A 244 10.22 9.39 3.95
N PRO A 245 10.44 9.05 2.67
CA PRO A 245 9.90 9.87 1.56
C PRO A 245 8.40 10.20 1.70
N PHE A 246 7.60 9.20 2.08
CA PHE A 246 6.20 9.40 2.49
C PHE A 246 5.90 8.40 3.61
N THR A 247 4.71 8.50 4.19
CA THR A 247 4.43 7.73 5.39
C THR A 247 4.39 6.21 5.10
N PRO A 248 5.26 5.44 5.79
CA PRO A 248 5.28 3.98 5.55
C PRO A 248 3.98 3.31 6.06
N SER A 249 3.67 2.13 5.50
CA SER A 249 2.51 1.36 5.93
C SER A 249 2.83 0.65 7.25
N VAL A 250 2.64 1.39 8.34
CA VAL A 250 3.13 0.97 9.65
C VAL A 250 2.64 -0.43 10.04
N SER A 251 1.35 -0.70 9.84
CA SER A 251 0.81 -1.99 10.27
C SER A 251 1.37 -3.11 9.39
N GLU A 252 1.51 -2.85 8.08
CA GLU A 252 2.12 -3.85 7.18
C GLU A 252 3.57 -4.14 7.57
N ILE A 253 4.28 -3.11 8.03
CA ILE A 253 5.64 -3.28 8.53
C ILE A 253 5.67 -4.20 9.76
N ASN A 254 4.69 -4.02 10.66
CA ASN A 254 4.54 -4.89 11.82
C ASN A 254 4.34 -6.35 11.42
N GLY A 255 3.49 -6.56 10.41
CA GLY A 255 3.23 -7.91 9.86
C GLY A 255 4.50 -8.49 9.24
N LEU A 256 5.23 -7.64 8.52
CA LEU A 256 6.44 -8.10 7.84
C LEU A 256 7.53 -8.49 8.85
N ASP A 257 7.64 -7.71 9.91
CA ASP A 257 8.53 -8.02 11.04
C ASP A 257 8.30 -9.45 11.54
N VAL A 258 7.04 -9.79 11.78
CA VAL A 258 6.67 -11.13 12.24
C VAL A 258 6.92 -12.20 11.18
N ALA A 259 6.52 -11.92 9.94
CA ALA A 259 6.73 -12.88 8.86
C ALA A 259 8.20 -13.25 8.74
N LEU A 260 9.09 -12.26 8.83
CA LEU A 260 10.53 -12.52 8.72
C LEU A 260 11.04 -13.34 9.90
N ASP A 261 10.60 -13.01 11.10
CA ASP A 261 10.93 -13.81 12.28
C ASP A 261 10.53 -15.27 12.08
N LEU A 262 9.32 -15.50 11.58
CA LEU A 262 8.82 -16.88 11.44
C LEU A 262 9.72 -17.65 10.51
N TYR A 263 10.06 -17.01 9.39
CA TYR A 263 10.87 -17.64 8.35
C TYR A 263 12.27 -17.93 8.89
N LEU A 264 12.89 -16.93 9.49
CA LEU A 264 14.26 -17.09 10.01
C LEU A 264 14.30 -18.12 11.14
N ASN A 265 13.28 -18.10 11.99
CA ASN A 265 13.24 -19.01 13.13
C ASN A 265 13.00 -20.46 12.74
N GLU A 266 12.12 -20.69 11.77
CA GLU A 266 11.85 -22.08 11.35
C GLU A 266 13.07 -22.67 10.64
N GLY A 267 13.79 -21.81 9.91
CA GLY A 267 14.93 -22.25 9.10
C GLY A 267 14.53 -22.27 7.64
N PRO A 268 15.09 -21.33 6.85
CA PRO A 268 14.74 -21.28 5.43
C PRO A 268 14.77 -22.62 4.72
N GLU A 269 15.84 -23.41 4.89
CA GLU A 269 15.91 -24.73 4.25
C GLU A 269 14.72 -25.64 4.60
N ALA A 270 14.31 -25.62 5.86
CA ALA A 270 13.14 -26.40 6.29
C ALA A 270 11.85 -25.88 5.64
N VAL A 271 11.73 -24.56 5.55
CA VAL A 271 10.59 -23.93 4.88
C VAL A 271 10.52 -24.33 3.39
N TRP A 272 11.65 -24.23 2.67
CA TRP A 272 11.66 -24.66 1.28
C TRP A 272 11.28 -26.13 1.15
N ALA A 273 11.79 -26.98 2.04
CA ALA A 273 11.53 -28.41 1.95
C ALA A 273 10.04 -28.74 2.03
N ARG A 274 9.31 -28.07 2.92
CA ARG A 274 7.88 -28.37 3.05
C ARG A 274 7.05 -27.82 1.90
N HIS A 275 7.44 -26.69 1.32
CA HIS A 275 6.80 -26.22 0.09
C HIS A 275 6.96 -27.31 -1.01
N ALA A 276 8.21 -27.68 -1.28
CA ALA A 276 8.51 -28.66 -2.34
C ALA A 276 7.80 -29.99 -2.12
N LEU A 277 7.75 -30.44 -0.87
CA LEU A 277 7.12 -31.73 -0.57
C LEU A 277 5.60 -31.67 -0.75
N THR A 278 4.98 -30.59 -0.28
CA THR A 278 3.56 -30.40 -0.50
C THR A 278 3.25 -30.40 -2.00
N ALA A 279 4.04 -29.67 -2.78
CA ALA A 279 3.82 -29.62 -4.22
C ALA A 279 4.03 -30.99 -4.89
N LYS A 280 5.09 -31.68 -4.47
CA LYS A 280 5.42 -33.00 -5.03
C LYS A 280 4.27 -33.99 -4.77
N ALA A 281 3.75 -34.00 -3.54
CA ALA A 281 2.61 -34.85 -3.19
C ALA A 281 1.37 -34.48 -4.00
N MET A 282 1.13 -33.18 -4.17
CA MET A 282 0.02 -32.70 -4.97
C MET A 282 0.11 -33.24 -6.40
N ARG A 283 1.27 -33.08 -7.04
CA ARG A 283 1.45 -33.51 -8.43
C ARG A 283 1.23 -35.02 -8.57
N ALA A 284 1.80 -35.79 -7.64
CA ALA A 284 1.63 -37.25 -7.65
C ALA A 284 0.15 -37.63 -7.52
N GLY A 285 -0.58 -36.93 -6.65
CA GLY A 285 -2.01 -37.16 -6.49
C GLY A 285 -2.83 -36.83 -7.73
N VAL A 286 -2.51 -35.68 -8.33
CA VAL A 286 -3.17 -35.20 -9.56
C VAL A 286 -3.04 -36.26 -10.65
N THR A 287 -1.80 -36.68 -10.90
CA THR A 287 -1.53 -37.66 -11.96
C THR A 287 -2.20 -39.02 -11.67
N ALA A 288 -2.06 -39.50 -10.43
CA ALA A 288 -2.66 -40.78 -10.03
C ALA A 288 -4.19 -40.87 -10.14
N MET A 289 -4.89 -39.76 -9.91
CA MET A 289 -6.35 -39.82 -9.99
C MET A 289 -6.86 -39.67 -11.42
N GLY A 290 -5.96 -39.37 -12.35
CA GLY A 290 -6.31 -39.30 -13.77
C GLY A 290 -6.31 -37.89 -14.37
N LEU A 291 -5.77 -36.92 -13.62
CA LEU A 291 -5.67 -35.55 -14.12
C LEU A 291 -4.25 -35.24 -14.61
N SER A 292 -4.05 -34.08 -15.22
CA SER A 292 -2.74 -33.70 -15.73
C SER A 292 -2.25 -32.39 -15.14
N VAL A 293 -1.00 -32.41 -14.70
CA VAL A 293 -0.30 -31.18 -14.32
C VAL A 293 -0.08 -30.36 -15.59
N TRP A 294 -0.32 -29.06 -15.47
CA TRP A 294 -0.19 -28.15 -16.60
C TRP A 294 1.23 -28.14 -17.17
N ALA A 295 2.24 -27.99 -16.30
CA ALA A 295 3.65 -27.90 -16.73
C ALA A 295 4.02 -28.97 -17.75
N ALA A 296 4.78 -28.56 -18.77
CA ALA A 296 5.20 -29.47 -19.86
C ALA A 296 6.04 -30.64 -19.37
N SER A 297 6.76 -30.41 -18.28
CA SER A 297 7.57 -31.43 -17.60
C SER A 297 7.49 -31.23 -16.11
N ASP A 298 7.62 -32.32 -15.37
CA ASP A 298 7.60 -32.26 -13.91
C ASP A 298 8.74 -31.40 -13.38
N SER A 299 9.86 -31.41 -14.08
CA SER A 299 11.06 -30.70 -13.64
C SER A 299 10.87 -29.19 -13.54
N ILE A 300 9.93 -28.64 -14.31
CA ILE A 300 9.72 -27.19 -14.29
C ILE A 300 8.51 -26.78 -13.45
N ALA A 301 7.82 -27.75 -12.85
CA ALA A 301 6.66 -27.46 -12.00
C ALA A 301 7.09 -26.76 -10.73
N SER A 302 6.31 -25.76 -10.33
CA SER A 302 6.68 -24.96 -9.17
C SER A 302 6.49 -25.69 -7.85
N PRO A 303 7.44 -25.52 -6.91
CA PRO A 303 7.22 -26.09 -5.57
C PRO A 303 6.25 -25.24 -4.71
N THR A 304 5.71 -24.16 -5.28
CA THR A 304 4.86 -23.24 -4.48
C THR A 304 3.45 -23.10 -5.03
N THR A 305 3.19 -23.71 -6.19
CA THR A 305 1.87 -23.76 -6.82
C THR A 305 1.77 -24.94 -7.77
N THR A 306 0.69 -25.68 -7.69
CA THR A 306 0.40 -26.72 -8.68
C THR A 306 -0.75 -26.26 -9.59
N ALA A 307 -0.46 -26.21 -10.89
CA ALA A 307 -1.48 -25.90 -11.88
C ALA A 307 -1.96 -27.19 -12.52
N VAL A 308 -3.28 -27.36 -12.55
CA VAL A 308 -3.90 -28.59 -13.05
C VAL A 308 -4.71 -28.26 -14.30
N ARG A 309 -4.37 -28.90 -15.42
CA ARG A 309 -5.05 -28.67 -16.71
C ARG A 309 -6.54 -29.04 -16.63
N THR A 310 -7.42 -28.14 -17.06
CA THR A 310 -8.85 -28.43 -17.10
C THR A 310 -9.13 -29.42 -18.23
N PRO A 311 -9.74 -30.57 -17.91
CA PRO A 311 -10.11 -31.51 -18.97
C PRO A 311 -11.11 -30.93 -19.96
N ASP A 312 -11.11 -31.44 -21.18
CA ASP A 312 -12.06 -30.99 -22.19
C ASP A 312 -13.49 -31.20 -21.71
N GLY A 313 -14.30 -30.17 -21.89
CA GLY A 313 -15.72 -30.23 -21.54
C GLY A 313 -16.02 -29.86 -20.10
N VAL A 314 -14.99 -29.60 -19.31
CA VAL A 314 -15.17 -29.16 -17.93
C VAL A 314 -15.08 -27.63 -17.86
N ASP A 315 -16.09 -27.04 -17.24
CA ASP A 315 -16.18 -25.61 -17.02
C ASP A 315 -15.35 -25.30 -15.77
N GLU A 316 -14.21 -24.66 -15.96
CA GLU A 316 -13.25 -24.47 -14.86
C GLU A 316 -13.79 -23.55 -13.75
N LYS A 317 -14.52 -22.51 -14.15
CA LYS A 317 -15.13 -21.59 -13.20
C LYS A 317 -16.15 -22.33 -12.34
N ALA A 318 -17.04 -23.10 -12.98
CA ALA A 318 -18.02 -23.91 -12.27
C ALA A 318 -17.32 -24.94 -11.36
N LEU A 319 -16.18 -25.45 -11.83
CA LEU A 319 -15.38 -26.38 -11.04
C LEU A 319 -14.96 -25.74 -9.70
N ARG A 320 -14.37 -24.55 -9.74
CA ARG A 320 -13.94 -23.88 -8.51
C ARG A 320 -15.13 -23.49 -7.62
N GLN A 321 -16.21 -23.06 -8.26
CA GLN A 321 -17.44 -22.76 -7.54
C GLN A 321 -17.94 -23.99 -6.78
N ALA A 322 -17.86 -25.16 -7.43
CA ALA A 322 -18.32 -26.41 -6.82
C ALA A 322 -17.40 -26.85 -5.67
N ALA A 323 -16.07 -26.74 -5.87
CA ALA A 323 -15.12 -27.11 -4.78
C ALA A 323 -15.43 -26.29 -3.53
N ARG A 324 -15.74 -25.02 -3.70
CA ARG A 324 -16.02 -24.16 -2.55
C ARG A 324 -17.39 -24.46 -1.97
N ALA A 325 -18.40 -24.61 -2.82
CA ALA A 325 -19.77 -24.83 -2.37
C ALA A 325 -19.97 -26.18 -1.71
N ARG A 326 -19.28 -27.20 -2.22
CA ARG A 326 -19.39 -28.56 -1.69
C ARG A 326 -18.49 -28.84 -0.48
N TYR A 327 -17.26 -28.33 -0.52
CA TYR A 327 -16.23 -28.74 0.46
C TYR A 327 -15.62 -27.57 1.22
N GLY A 328 -15.99 -26.35 0.82
CA GLY A 328 -15.47 -25.14 1.47
C GLY A 328 -14.01 -24.84 1.19
N VAL A 329 -13.49 -25.41 0.09
CA VAL A 329 -12.09 -25.24 -0.26
C VAL A 329 -11.98 -24.34 -1.49
N VAL A 330 -11.08 -23.36 -1.40
CA VAL A 330 -10.95 -22.33 -2.42
C VAL A 330 -9.64 -22.49 -3.18
N PHE A 331 -9.76 -22.57 -4.51
CA PHE A 331 -8.62 -22.62 -5.42
C PHE A 331 -8.54 -21.34 -6.24
N SER A 332 -7.37 -21.08 -6.82
CA SER A 332 -7.21 -19.97 -7.77
C SER A 332 -7.60 -20.35 -9.19
N SER A 333 -8.13 -19.38 -9.91
CA SER A 333 -8.28 -19.50 -11.34
C SER A 333 -6.92 -19.37 -12.02
N GLY A 334 -6.88 -19.53 -13.34
CA GLY A 334 -5.75 -19.04 -14.12
C GLY A 334 -5.82 -17.53 -14.25
N ARG A 335 -5.05 -16.98 -15.19
CA ARG A 335 -5.08 -15.53 -15.45
C ARG A 335 -4.74 -15.32 -16.92
N GLY A 336 -5.35 -14.30 -17.53
CA GLY A 336 -5.09 -14.06 -18.96
C GLY A 336 -5.25 -15.33 -19.78
N GLU A 337 -4.23 -15.63 -20.57
N GLU A 337 -4.22 -15.67 -20.57
CA GLU A 337 -4.20 -16.82 -21.42
CA GLU A 337 -4.24 -16.84 -21.44
C GLU A 337 -4.64 -18.10 -20.69
C GLU A 337 -4.46 -18.20 -20.76
N THR A 338 -4.19 -18.28 -19.46
CA THR A 338 -4.48 -19.52 -18.71
C THR A 338 -5.86 -19.52 -18.05
N LEU A 339 -6.56 -18.39 -18.09
CA LEU A 339 -7.89 -18.35 -17.49
C LEU A 339 -8.81 -19.32 -18.23
N GLY A 340 -9.47 -20.18 -17.46
CA GLY A 340 -10.37 -21.17 -18.03
C GLY A 340 -9.71 -22.46 -18.48
N LYS A 341 -8.37 -22.46 -18.47
CA LYS A 341 -7.55 -23.56 -19.00
CA LYS A 341 -7.60 -23.60 -18.99
C LYS A 341 -6.98 -24.45 -17.90
N LEU A 342 -6.90 -23.90 -16.69
CA LEU A 342 -6.27 -24.61 -15.58
C LEU A 342 -6.81 -24.13 -14.24
N THR A 343 -6.56 -24.92 -13.20
CA THR A 343 -6.90 -24.55 -11.82
C THR A 343 -5.62 -24.54 -11.03
N ARG A 344 -5.46 -23.57 -10.13
CA ARG A 344 -4.24 -23.50 -9.34
C ARG A 344 -4.47 -23.78 -7.87
N ILE A 345 -3.60 -24.63 -7.31
CA ILE A 345 -3.58 -24.89 -5.87
C ILE A 345 -2.26 -24.30 -5.34
N GLY A 346 -2.38 -23.26 -4.51
CA GLY A 346 -1.20 -22.68 -3.90
C GLY A 346 -0.67 -23.55 -2.78
N HIS A 347 0.67 -23.61 -2.68
CA HIS A 347 1.36 -24.21 -1.54
C HIS A 347 2.31 -23.14 -1.03
N MET A 348 1.80 -22.29 -0.15
CA MET A 348 2.49 -21.03 0.20
C MET A 348 2.35 -20.71 1.66
N GLY A 349 3.49 -20.56 2.34
CA GLY A 349 3.48 -20.17 3.77
C GLY A 349 2.67 -21.21 4.56
N PRO A 350 1.63 -20.76 5.27
CA PRO A 350 0.84 -21.69 6.10
C PRO A 350 0.24 -22.89 5.32
N THR A 351 0.00 -22.74 4.02
CA THR A 351 -0.56 -23.86 3.25
C THR A 351 0.51 -24.78 2.62
N ALA A 352 1.78 -24.46 2.85
CA ALA A 352 2.87 -25.34 2.41
C ALA A 352 3.09 -26.42 3.47
N GLN A 353 2.04 -27.21 3.70
CA GLN A 353 2.10 -28.39 4.59
C GLN A 353 1.44 -29.52 3.83
N PRO A 354 2.10 -30.70 3.76
CA PRO A 354 1.53 -31.76 2.92
C PRO A 354 0.09 -32.18 3.18
N ILE A 355 -0.38 -32.09 4.42
CA ILE A 355 -1.77 -32.44 4.70
C ILE A 355 -2.74 -31.58 3.86
N TYR A 356 -2.33 -30.36 3.53
CA TYR A 356 -3.19 -29.54 2.67
C TYR A 356 -3.27 -30.05 1.23
N ALA A 357 -2.23 -30.71 0.74
CA ALA A 357 -2.31 -31.35 -0.57
C ALA A 357 -3.41 -32.40 -0.56
N ILE A 358 -3.56 -33.10 0.57
CA ILE A 358 -4.60 -34.13 0.69
C ILE A 358 -5.99 -33.51 0.62
N ALA A 359 -6.19 -32.45 1.40
CA ALA A 359 -7.44 -31.71 1.38
C ALA A 359 -7.74 -31.19 -0.04
N ALA A 360 -6.74 -30.58 -0.68
CA ALA A 360 -6.89 -30.06 -2.05
C ALA A 360 -7.28 -31.16 -3.04
N LEU A 361 -6.59 -32.29 -2.97
CA LEU A 361 -6.84 -33.36 -3.94
C LEU A 361 -8.26 -33.88 -3.82
N THR A 362 -8.74 -33.98 -2.59
CA THR A 362 -10.09 -34.49 -2.32
C THR A 362 -11.16 -33.54 -2.87
N ALA A 363 -11.01 -32.26 -2.58
CA ALA A 363 -11.96 -31.26 -3.07
C ALA A 363 -11.93 -31.11 -4.59
N LEU A 364 -10.73 -31.14 -5.16
CA LEU A 364 -10.53 -31.06 -6.61
C LEU A 364 -11.15 -32.28 -7.30
N GLY A 365 -10.79 -33.48 -6.84
CA GLY A 365 -11.41 -34.71 -7.33
C GLY A 365 -12.92 -34.73 -7.19
N GLY A 366 -13.40 -34.33 -6.02
CA GLY A 366 -14.82 -34.34 -5.72
C GLY A 366 -15.58 -33.44 -6.69
N ALA A 367 -15.04 -32.25 -6.92
CA ALA A 367 -15.66 -31.29 -7.82
C ALA A 367 -15.59 -31.77 -9.28
N MET A 368 -14.47 -32.38 -9.65
CA MET A 368 -14.33 -32.95 -11.00
C MET A 368 -15.35 -34.07 -11.24
N ASN A 369 -15.54 -34.93 -10.25
CA ASN A 369 -16.51 -36.03 -10.40
C ASN A 369 -17.95 -35.53 -10.42
N ALA A 370 -18.19 -34.40 -9.75
CA ALA A 370 -19.49 -33.74 -9.80
C ALA A 370 -19.76 -33.23 -11.21
N ALA A 371 -18.69 -32.89 -11.93
CA ALA A 371 -18.75 -32.35 -13.30
C ALA A 371 -18.80 -33.49 -14.32
N GLY A 372 -18.87 -34.71 -13.81
CA GLY A 372 -19.05 -35.89 -14.65
C GLY A 372 -17.79 -36.65 -14.98
N ARG A 373 -16.65 -36.24 -14.42
CA ARG A 373 -15.42 -37.02 -14.60
C ARG A 373 -15.49 -38.28 -13.74
N LYS A 374 -14.61 -39.21 -14.00
CA LYS A 374 -14.61 -40.46 -13.25
C LYS A 374 -13.21 -40.72 -12.72
N LEU A 375 -12.73 -39.79 -11.91
CA LEU A 375 -11.40 -39.85 -11.35
C LEU A 375 -11.27 -40.88 -10.23
N ALA A 376 -10.08 -41.47 -10.11
CA ALA A 376 -9.80 -42.39 -9.02
C ALA A 376 -9.25 -41.61 -7.83
N ILE A 377 -10.16 -41.02 -7.05
CA ILE A 377 -9.74 -40.10 -5.98
C ILE A 377 -8.92 -40.80 -4.91
N GLY A 378 -9.36 -41.98 -4.47
CA GLY A 378 -8.60 -42.77 -3.49
C GLY A 378 -7.17 -43.07 -3.94
N LYS A 379 -7.03 -43.45 -5.21
CA LYS A 379 -5.73 -43.67 -5.82
C LYS A 379 -4.86 -42.41 -5.74
N GLY A 380 -5.48 -41.26 -5.98
CA GLY A 380 -4.77 -39.96 -5.87
C GLY A 380 -4.27 -39.69 -4.47
N ILE A 381 -5.14 -39.87 -3.48
CA ILE A 381 -4.75 -39.69 -2.09
C ILE A 381 -3.60 -40.63 -1.69
N GLU A 382 -3.70 -41.89 -2.07
CA GLU A 382 -2.63 -42.84 -1.75
C GLU A 382 -1.28 -42.47 -2.38
N ALA A 383 -1.30 -41.96 -3.62
CA ALA A 383 -0.06 -41.59 -4.29
C ALA A 383 0.57 -40.39 -3.60
N ALA A 384 -0.28 -39.44 -3.18
CA ALA A 384 0.20 -38.26 -2.45
C ALA A 384 0.78 -38.66 -1.09
N LEU A 385 0.07 -39.54 -0.39
CA LEU A 385 0.52 -40.04 0.89
C LEU A 385 1.83 -40.82 0.74
N ALA A 386 1.96 -41.61 -0.33
CA ALA A 386 3.22 -42.31 -0.61
C ALA A 386 4.43 -41.36 -0.74
N VAL A 387 4.22 -40.20 -1.36
CA VAL A 387 5.26 -39.19 -1.49
C VAL A 387 5.67 -38.67 -0.11
N ILE A 388 4.66 -38.36 0.71
CA ILE A 388 4.92 -37.85 2.05
C ILE A 388 5.70 -38.89 2.85
N ASP A 389 5.21 -40.13 2.83
CA ASP A 389 5.80 -41.21 3.62
C ASP A 389 7.23 -41.56 3.15
N ALA A 390 7.52 -41.36 1.86
CA ALA A 390 8.85 -41.65 1.31
C ALA A 390 9.91 -40.63 1.74
N ASP A 391 9.45 -39.44 2.13
CA ASP A 391 10.34 -38.38 2.59
C ASP A 391 10.52 -38.48 4.09
N ALA A 392 9.76 -39.38 4.71
CA ALA A 392 9.63 -39.45 6.16
C ALA A 392 10.91 -39.94 6.84
N MET B 1 12.32 9.49 36.60
CA MET B 1 12.28 8.40 35.57
C MET B 1 12.43 8.97 34.17
N ARG B 2 12.90 8.12 33.27
CA ARG B 2 13.04 8.47 31.86
CA ARG B 2 13.04 8.48 31.85
C ARG B 2 12.54 7.33 30.98
N TYR B 3 11.82 7.67 29.92
CA TYR B 3 11.36 6.69 28.95
C TYR B 3 12.45 6.46 27.90
N PRO B 4 12.94 5.21 27.80
CA PRO B 4 13.94 4.91 26.79
C PRO B 4 13.38 5.09 25.38
N GLU B 5 14.24 5.56 24.47
CA GLU B 5 13.88 5.74 23.06
C GLU B 5 13.50 4.43 22.37
N HIS B 6 14.12 3.32 22.80
CA HIS B 6 13.86 2.01 22.19
C HIS B 6 12.55 1.38 22.64
N ALA B 7 12.06 1.80 23.80
CA ALA B 7 10.82 1.27 24.37
C ALA B 7 9.63 2.06 23.86
N ASP B 8 8.45 1.44 23.85
CA ASP B 8 7.22 2.08 23.38
C ASP B 8 6.81 3.26 24.26
N PRO B 9 6.14 4.25 23.67
CA PRO B 9 5.71 5.38 24.50
C PRO B 9 4.43 5.07 25.24
N VAL B 10 3.91 6.03 26.01
CA VAL B 10 2.71 5.82 26.80
C VAL B 10 1.48 6.31 26.04
N ILE B 11 1.55 7.54 25.54
CA ILE B 11 0.45 8.12 24.76
C ILE B 11 1.01 8.77 23.51
N THR B 12 0.50 8.35 22.35
CA THR B 12 0.88 8.96 21.07
C THR B 12 -0.21 9.99 20.67
N LEU B 13 0.20 11.26 20.65
CA LEU B 13 -0.70 12.36 20.35
C LEU B 13 -0.24 13.11 19.08
N THR B 14 0.07 12.33 18.05
CA THR B 14 0.65 12.87 16.83
C THR B 14 -0.42 13.16 15.78
N ALA B 15 -0.01 13.74 14.65
CA ALA B 15 -0.94 14.13 13.61
C ALA B 15 -0.78 13.26 12.37
N GLY B 16 -0.25 12.05 12.56
CA GLY B 16 -0.07 11.12 11.43
C GLY B 16 1.34 10.57 11.24
N PRO B 17 1.49 9.24 11.27
CA PRO B 17 0.51 8.24 11.72
C PRO B 17 -0.02 8.59 13.08
N VAL B 18 -1.16 7.99 13.40
CA VAL B 18 -1.78 8.13 14.70
C VAL B 18 -2.13 6.75 15.23
N ASN B 19 -2.37 6.66 16.53
CA ASN B 19 -2.89 5.44 17.11
C ASN B 19 -4.20 5.10 16.40
N ALA B 20 -4.37 3.82 16.07
CA ALA B 20 -5.57 3.32 15.43
C ALA B 20 -6.53 2.85 16.52
N TYR B 21 -7.83 2.89 16.23
CA TYR B 21 -8.82 2.34 17.14
C TYR B 21 -8.50 0.87 17.41
N PRO B 22 -8.64 0.42 18.67
CA PRO B 22 -8.46 -1.00 19.00
C PRO B 22 -9.23 -1.96 18.08
N GLU B 23 -10.48 -1.61 17.77
CA GLU B 23 -11.32 -2.46 16.92
C GLU B 23 -10.73 -2.60 15.52
N VAL B 24 -10.15 -1.50 15.03
CA VAL B 24 -9.50 -1.50 13.71
C VAL B 24 -8.30 -2.43 13.73
N LEU B 25 -7.48 -2.35 14.78
CA LEU B 25 -6.31 -3.21 14.90
C LEU B 25 -6.71 -4.68 14.92
N ARG B 26 -7.82 -4.98 15.58
CA ARG B 26 -8.33 -6.36 15.58
C ARG B 26 -8.87 -6.75 14.20
N GLY B 27 -9.55 -5.82 13.54
CA GLY B 27 -10.02 -6.01 12.17
C GLY B 27 -8.90 -6.33 11.18
N LEU B 28 -7.74 -5.71 11.37
CA LEU B 28 -6.57 -5.99 10.53
C LEU B 28 -6.21 -7.49 10.62
N GLY B 29 -6.56 -8.11 11.74
CA GLY B 29 -6.25 -9.52 12.02
C GLY B 29 -7.23 -10.55 11.54
N ARG B 30 -8.23 -10.13 10.77
CA ARG B 30 -9.18 -11.07 10.16
C ARG B 30 -8.46 -11.98 9.18
N THR B 31 -8.99 -13.19 9.01
CA THR B 31 -8.42 -14.14 8.05
C THR B 31 -8.35 -13.47 6.67
N VAL B 32 -7.22 -13.63 6.00
CA VAL B 32 -7.00 -13.02 4.69
C VAL B 32 -7.57 -13.99 3.64
N LEU B 33 -8.59 -13.53 2.93
CA LEU B 33 -9.23 -14.30 1.85
C LEU B 33 -8.55 -14.05 0.52
N TYR B 34 -8.70 -15.02 -0.38
CA TYR B 34 -8.39 -14.80 -1.79
C TYR B 34 -9.25 -13.62 -2.27
N ASP B 35 -8.68 -12.72 -3.08
CA ASP B 35 -9.42 -11.54 -3.50
C ASP B 35 -10.59 -11.85 -4.45
N TYR B 36 -10.51 -13.00 -5.11
CA TYR B 36 -11.61 -13.46 -5.95
C TYR B 36 -12.52 -14.48 -5.28
N ASP B 37 -12.29 -14.69 -3.98
CA ASP B 37 -13.26 -15.41 -3.19
C ASP B 37 -14.55 -14.57 -3.19
N PRO B 38 -15.70 -15.20 -3.44
CA PRO B 38 -16.94 -14.42 -3.49
C PRO B 38 -17.20 -13.62 -2.21
N ALA B 39 -16.77 -14.13 -1.06
CA ALA B 39 -16.97 -13.44 0.21
C ALA B 39 -16.12 -12.16 0.28
N PHE B 40 -14.92 -12.21 -0.31
CA PHE B 40 -14.11 -10.99 -0.35
C PHE B 40 -14.65 -10.00 -1.39
N GLN B 41 -15.07 -10.51 -2.55
CA GLN B 41 -15.62 -9.67 -3.61
C GLN B 41 -16.81 -8.88 -3.06
N LEU B 42 -17.65 -9.55 -2.27
CA LEU B 42 -18.80 -8.88 -1.66
C LEU B 42 -18.34 -7.86 -0.61
N LEU B 43 -17.39 -8.25 0.24
CA LEU B 43 -16.88 -7.35 1.28
C LEU B 43 -16.33 -6.07 0.67
N TYR B 44 -15.51 -6.23 -0.37
CA TYR B 44 -14.90 -5.07 -1.03
C TYR B 44 -15.98 -4.12 -1.57
N GLU B 45 -16.98 -4.68 -2.25
CA GLU B 45 -18.10 -3.87 -2.75
C GLU B 45 -18.81 -3.13 -1.61
N LYS B 46 -19.00 -3.83 -0.51
CA LYS B 46 -19.71 -3.23 0.62
CA LYS B 46 -19.67 -3.28 0.67
C LYS B 46 -18.84 -2.20 1.34
N VAL B 47 -17.52 -2.36 1.31
CA VAL B 47 -16.61 -1.32 1.83
C VAL B 47 -16.69 -0.03 1.00
N VAL B 48 -16.75 -0.18 -0.31
CA VAL B 48 -16.96 0.98 -1.19
C VAL B 48 -18.30 1.63 -0.88
N ASP B 49 -19.34 0.82 -0.68
CA ASP B 49 -20.67 1.35 -0.31
C ASP B 49 -20.59 2.15 0.99
N LYS B 50 -19.87 1.63 1.99
CA LYS B 50 -19.75 2.31 3.27
C LYS B 50 -19.01 3.62 3.08
N ALA B 51 -17.96 3.60 2.25
CA ALA B 51 -17.20 4.82 1.98
C ALA B 51 -18.06 5.84 1.27
N GLN B 52 -18.88 5.38 0.32
CA GLN B 52 -19.80 6.27 -0.39
C GLN B 52 -20.74 6.93 0.61
N LYS B 53 -21.31 6.12 1.51
CA LYS B 53 -22.25 6.67 2.50
C LYS B 53 -21.53 7.68 3.42
N ALA B 54 -20.38 7.30 3.94
CA ALA B 54 -19.58 8.21 4.78
C ALA B 54 -19.23 9.51 4.06
N MET B 55 -18.94 9.41 2.77
CA MET B 55 -18.52 10.59 1.99
C MET B 55 -19.71 11.35 1.40
N ARG B 56 -20.92 10.87 1.67
CA ARG B 56 -22.17 11.47 1.17
C ARG B 56 -22.11 11.63 -0.35
N LEU B 57 -21.50 10.64 -1.02
CA LEU B 57 -21.23 10.74 -2.45
C LEU B 57 -22.40 10.25 -3.28
N SER B 58 -22.66 10.93 -4.41
CA SER B 58 -23.70 10.52 -5.34
C SER B 58 -23.25 9.36 -6.23
N ASN B 59 -21.92 9.17 -6.34
CA ASN B 59 -21.36 8.07 -7.12
C ASN B 59 -20.31 7.32 -6.30
N LYS B 60 -19.69 6.28 -6.87
CA LYS B 60 -18.78 5.45 -6.07
C LYS B 60 -17.44 6.13 -5.87
N PRO B 61 -16.94 6.15 -4.61
CA PRO B 61 -15.58 6.59 -4.41
C PRO B 61 -14.64 5.48 -4.89
N VAL B 62 -13.45 5.86 -5.32
CA VAL B 62 -12.42 4.88 -5.68
C VAL B 62 -11.49 4.63 -4.49
N ILE B 63 -11.22 3.36 -4.19
CA ILE B 63 -10.19 3.05 -3.20
C ILE B 63 -8.92 2.71 -3.98
N LEU B 64 -7.82 3.39 -3.66
CA LEU B 64 -6.53 3.10 -4.27
C LEU B 64 -5.65 2.48 -3.20
N HIS B 65 -4.76 1.60 -3.63
CA HIS B 65 -4.04 0.76 -2.68
C HIS B 65 -2.63 1.28 -2.37
N GLY B 66 -2.62 2.53 -1.92
CA GLY B 66 -1.43 3.14 -1.34
C GLY B 66 -1.93 4.25 -0.44
N GLU B 67 -1.06 4.75 0.42
CA GLU B 67 -1.48 5.83 1.31
C GLU B 67 -1.71 7.08 0.46
N PRO B 68 -2.49 8.05 0.98
CA PRO B 68 -3.00 9.13 0.13
C PRO B 68 -2.06 9.99 -0.73
N VAL B 69 -0.75 10.04 -0.45
CA VAL B 69 0.18 10.66 -1.42
C VAL B 69 0.03 10.03 -2.81
N LEU B 70 -0.33 8.74 -2.86
CA LEU B 70 -0.64 8.10 -4.15
C LEU B 70 -1.82 8.77 -4.83
N GLY B 71 -2.89 9.00 -4.07
CA GLY B 71 -4.08 9.68 -4.59
C GLY B 71 -3.74 11.05 -5.13
N LEU B 72 -2.90 11.78 -4.42
CA LEU B 72 -2.53 13.14 -4.82
C LEU B 72 -1.72 13.12 -6.11
N GLU B 73 -0.68 12.30 -6.13
CA GLU B 73 0.14 12.16 -7.33
C GLU B 73 -0.69 11.66 -8.52
N ALA B 74 -1.49 10.63 -8.31
CA ALA B 74 -2.32 10.05 -9.36
C ALA B 74 -3.34 11.07 -9.89
N ALA B 75 -3.86 11.92 -9.01
CA ALA B 75 -4.78 12.98 -9.43
C ALA B 75 -4.12 13.97 -10.37
N ALA B 76 -2.94 14.46 -9.99
CA ALA B 76 -2.18 15.35 -10.85
C ALA B 76 -1.87 14.67 -12.18
N ALA B 77 -1.38 13.43 -12.12
CA ALA B 77 -0.94 12.74 -13.33
C ALA B 77 -2.07 12.45 -14.33
N SER B 78 -3.28 12.28 -13.80
CA SER B 78 -4.43 11.87 -14.60
C SER B 78 -5.29 13.04 -15.09
N LEU B 79 -5.51 14.01 -14.19
CA LEU B 79 -6.41 15.12 -14.49
C LEU B 79 -5.70 16.27 -15.16
N ILE B 80 -4.43 16.51 -14.83
CA ILE B 80 -3.72 17.67 -15.35
C ILE B 80 -2.91 17.28 -16.58
N SER B 81 -3.21 17.92 -17.71
CA SER B 81 -2.42 17.74 -18.92
C SER B 81 -1.86 19.09 -19.39
N PRO B 82 -0.86 19.08 -20.31
CA PRO B 82 -0.16 20.33 -20.63
C PRO B 82 -1.00 21.47 -21.21
N ASP B 83 -2.20 21.16 -21.69
CA ASP B 83 -3.17 22.17 -22.14
C ASP B 83 -3.77 22.93 -20.96
N ASP B 84 -3.80 22.30 -19.78
CA ASP B 84 -4.39 22.94 -18.60
C ASP B 84 -3.56 24.10 -18.08
N VAL B 85 -4.25 25.11 -17.56
CA VAL B 85 -3.59 26.12 -16.74
C VAL B 85 -4.06 25.86 -15.31
N VAL B 86 -3.11 25.54 -14.45
CA VAL B 86 -3.44 25.18 -13.07
C VAL B 86 -3.27 26.37 -12.14
N LEU B 87 -4.27 26.61 -11.28
CA LEU B 87 -4.11 27.52 -10.15
C LEU B 87 -3.99 26.70 -8.89
N ASN B 88 -2.79 26.70 -8.30
CA ASN B 88 -2.53 25.98 -7.06
C ASN B 88 -2.64 26.96 -5.90
N LEU B 89 -3.38 26.57 -4.86
CA LEU B 89 -3.52 27.40 -3.67
C LEU B 89 -2.63 26.85 -2.59
N ALA B 90 -1.73 27.68 -2.07
CA ALA B 90 -0.73 27.22 -1.12
C ALA B 90 -0.72 28.05 0.17
N SER B 91 -1.12 27.45 1.28
CA SER B 91 -1.07 28.08 2.61
C SER B 91 -0.26 27.20 3.55
N GLY B 92 0.45 26.23 2.98
CA GLY B 92 1.27 25.35 3.81
C GLY B 92 1.99 24.32 2.98
N VAL B 93 2.56 23.34 3.69
CA VAL B 93 3.46 22.34 3.12
C VAL B 93 2.81 21.48 2.04
N TYR B 94 1.64 20.92 2.33
CA TYR B 94 0.97 20.08 1.34
C TYR B 94 0.47 20.89 0.16
N GLY B 95 -0.13 22.04 0.45
CA GLY B 95 -0.62 22.90 -0.63
C GLY B 95 0.51 23.30 -1.59
N LYS B 96 1.62 23.79 -1.05
CA LYS B 96 2.77 24.15 -1.89
C LYS B 96 3.30 22.92 -2.63
N GLY B 97 3.36 21.81 -1.91
CA GLY B 97 3.86 20.57 -2.48
C GLY B 97 3.06 20.13 -3.68
N PHE B 98 1.75 20.32 -3.63
CA PHE B 98 0.92 19.84 -4.74
C PHE B 98 1.31 20.55 -6.04
N GLY B 99 1.72 21.82 -5.92
CA GLY B 99 2.13 22.61 -7.09
C GLY B 99 3.28 21.97 -7.86
N TYR B 100 4.16 21.27 -7.14
CA TYR B 100 5.28 20.59 -7.79
C TYR B 100 4.78 19.46 -8.69
N TRP B 101 3.77 18.73 -8.22
CA TRP B 101 3.17 17.70 -9.07
C TRP B 101 2.37 18.32 -10.21
N ALA B 102 1.66 19.42 -9.94
CA ALA B 102 0.97 20.11 -11.03
C ALA B 102 1.98 20.48 -12.15
N LYS B 103 3.12 21.06 -11.77
CA LYS B 103 4.11 21.52 -12.76
C LYS B 103 4.72 20.36 -13.54
N ARG B 104 4.76 19.18 -12.92
CA ARG B 104 5.25 17.99 -13.61
C ARG B 104 4.35 17.64 -14.80
N TYR B 105 3.06 17.99 -14.70
CA TYR B 105 2.07 17.54 -15.68
C TYR B 105 1.48 18.64 -16.57
N SER B 106 1.75 19.89 -16.18
CA SER B 106 1.49 21.02 -17.08
C SER B 106 2.48 22.13 -16.79
N PRO B 107 3.04 22.75 -17.85
CA PRO B 107 4.00 23.82 -17.66
C PRO B 107 3.36 25.13 -17.18
N HIS B 108 2.04 25.17 -17.20
CA HIS B 108 1.28 26.39 -16.88
C HIS B 108 0.76 26.35 -15.44
N LEU B 109 1.43 27.11 -14.58
CA LEU B 109 1.09 27.13 -13.15
C LEU B 109 1.00 28.55 -12.63
N LEU B 110 -0.18 28.88 -12.10
CA LEU B 110 -0.39 30.10 -11.33
C LEU B 110 -0.58 29.67 -9.89
N GLU B 111 -0.18 30.52 -8.95
CA GLU B 111 -0.35 30.22 -7.54
CA GLU B 111 -0.32 30.22 -7.54
C GLU B 111 -0.81 31.42 -6.73
N ILE B 112 -1.62 31.14 -5.71
CA ILE B 112 -1.91 32.10 -4.66
C ILE B 112 -1.26 31.49 -3.44
N GLU B 113 -0.33 32.24 -2.84
CA GLU B 113 0.42 31.76 -1.70
C GLU B 113 0.27 32.72 -0.54
N VAL B 114 0.06 32.16 0.65
CA VAL B 114 0.04 32.93 1.89
C VAL B 114 1.03 32.31 2.85
N PRO B 115 1.55 33.10 3.82
CA PRO B 115 2.44 32.53 4.84
C PRO B 115 1.81 31.31 5.53
N TYR B 116 2.65 30.44 6.09
CA TYR B 116 2.17 29.11 6.50
C TYR B 116 1.47 29.08 7.85
N ASN B 117 0.96 30.22 8.30
CA ASN B 117 0.02 30.21 9.42
C ASN B 117 -1.33 30.85 9.04
N GLU B 118 -1.50 31.12 7.76
CA GLU B 118 -2.69 31.79 7.24
C GLU B 118 -3.56 30.86 6.42
N ALA B 119 -4.75 31.34 6.09
CA ALA B 119 -5.66 30.64 5.18
C ALA B 119 -5.78 31.42 3.89
N ILE B 120 -6.06 30.71 2.81
CA ILE B 120 -6.38 31.32 1.52
C ILE B 120 -7.65 32.18 1.65
N ASP B 121 -7.61 33.38 1.09
CA ASP B 121 -8.74 34.33 1.12
C ASP B 121 -9.64 34.06 -0.11
N PRO B 122 -10.92 33.70 0.13
CA PRO B 122 -11.78 33.46 -1.05
C PRO B 122 -11.89 34.66 -1.98
N GLN B 123 -11.77 35.87 -1.46
CA GLN B 123 -11.81 37.05 -2.33
C GLN B 123 -10.63 37.04 -3.32
N ALA B 124 -9.47 36.63 -2.83
CA ALA B 124 -8.27 36.54 -3.66
C ALA B 124 -8.46 35.51 -4.76
N VAL B 125 -9.07 34.38 -4.40
CA VAL B 125 -9.44 33.36 -5.39
C VAL B 125 -10.39 33.88 -6.45
N ALA B 126 -11.46 34.55 -6.03
CA ALA B 126 -12.43 35.10 -6.99
C ALA B 126 -11.75 36.05 -7.96
N ASP B 127 -10.89 36.92 -7.42
CA ASP B 127 -10.19 37.93 -8.21
C ASP B 127 -9.23 37.26 -9.21
N MET B 128 -8.51 36.24 -8.76
CA MET B 128 -7.55 35.54 -9.61
C MET B 128 -8.24 34.83 -10.79
N LEU B 129 -9.34 34.14 -10.50
CA LEU B 129 -10.13 33.46 -11.50
C LEU B 129 -10.69 34.45 -12.53
N LYS B 130 -11.18 35.59 -12.05
CA LYS B 130 -11.69 36.61 -12.95
C LYS B 130 -10.60 37.13 -13.90
N ALA B 131 -9.40 37.34 -13.35
CA ALA B 131 -8.26 37.87 -14.11
C ALA B 131 -7.68 36.85 -15.09
N HIS B 132 -7.97 35.57 -14.85
CA HIS B 132 -7.37 34.49 -15.63
C HIS B 132 -8.40 33.45 -16.10
N PRO B 133 -9.19 33.82 -17.12
CA PRO B 133 -10.18 32.89 -17.69
C PRO B 133 -9.56 31.58 -18.22
N GLU B 134 -8.26 31.62 -18.49
CA GLU B 134 -7.55 30.45 -18.97
C GLU B 134 -7.39 29.34 -17.92
N ILE B 135 -7.61 29.65 -16.64
CA ILE B 135 -7.47 28.62 -15.59
C ILE B 135 -8.49 27.50 -15.84
N THR B 136 -8.01 26.25 -15.83
CA THR B 136 -8.90 25.10 -16.07
C THR B 136 -8.91 24.13 -14.88
N VAL B 137 -7.89 24.19 -14.03
CA VAL B 137 -7.77 23.30 -12.88
C VAL B 137 -7.32 24.10 -11.66
N VAL B 138 -7.99 23.87 -10.53
CA VAL B 138 -7.60 24.54 -9.27
C VAL B 138 -7.38 23.46 -8.20
N SER B 139 -6.27 23.57 -7.49
CA SER B 139 -5.94 22.64 -6.41
C SER B 139 -5.86 23.35 -5.05
N VAL B 140 -6.36 22.68 -4.02
CA VAL B 140 -6.40 23.25 -2.69
C VAL B 140 -6.28 22.15 -1.64
N CYS B 141 -5.70 22.51 -0.49
CA CYS B 141 -5.57 21.60 0.63
C CYS B 141 -6.54 22.09 1.70
N HIS B 142 -7.38 21.20 2.20
CA HIS B 142 -8.37 21.58 3.21
C HIS B 142 -7.74 21.91 4.56
N HIS B 143 -7.08 20.92 5.15
CA HIS B 143 -6.35 21.08 6.41
C HIS B 143 -4.89 20.84 6.08
N ASP B 144 -4.11 21.92 6.04
CA ASP B 144 -2.70 21.75 5.72
C ASP B 144 -1.97 21.41 7.02
N THR B 145 -1.90 20.11 7.28
CA THR B 145 -1.65 19.59 8.61
C THR B 145 -0.42 20.13 9.33
N PRO B 146 0.74 20.26 8.63
CA PRO B 146 1.96 20.81 9.25
C PRO B 146 1.82 22.24 9.78
N SER B 147 0.69 22.89 9.46
CA SER B 147 0.36 24.22 10.01
C SER B 147 -0.84 24.21 10.96
N GLY B 148 -1.59 23.11 10.99
CA GLY B 148 -2.80 23.04 11.82
C GLY B 148 -3.86 24.07 11.46
N THR B 149 -3.91 24.46 10.19
CA THR B 149 -4.86 25.47 9.69
C THR B 149 -5.80 24.92 8.62
N ILE B 150 -6.95 25.59 8.49
CA ILE B 150 -8.02 25.20 7.60
C ILE B 150 -8.30 26.27 6.54
N ASN B 151 -8.43 25.82 5.30
CA ASN B 151 -8.91 26.66 4.19
C ASN B 151 -10.41 26.53 3.96
N PRO B 152 -11.06 27.63 3.55
CA PRO B 152 -12.50 27.61 3.33
C PRO B 152 -12.85 26.97 1.98
N ILE B 153 -12.77 25.63 1.93
CA ILE B 153 -12.84 24.96 0.64
C ILE B 153 -14.22 24.96 -0.01
N ASP B 154 -15.28 25.08 0.80
CA ASP B 154 -16.62 25.04 0.20
C ASP B 154 -16.86 26.32 -0.60
N ALA B 155 -16.48 27.48 -0.03
CA ALA B 155 -16.61 28.75 -0.77
C ALA B 155 -15.68 28.73 -1.97
N ILE B 156 -14.44 28.28 -1.77
CA ILE B 156 -13.48 28.20 -2.89
C ILE B 156 -14.03 27.31 -4.00
N GLY B 157 -14.55 26.14 -3.64
CA GLY B 157 -15.10 25.20 -4.60
C GLY B 157 -16.24 25.77 -5.43
N ALA B 158 -17.09 26.56 -4.78
CA ALA B 158 -18.19 27.21 -5.50
C ALA B 158 -17.65 28.27 -6.49
N LEU B 159 -16.64 29.01 -6.08
CA LEU B 159 -16.02 29.99 -6.99
C LEU B 159 -15.41 29.28 -8.19
N VAL B 160 -14.75 28.15 -7.93
CA VAL B 160 -14.09 27.39 -8.99
C VAL B 160 -15.13 26.80 -9.94
N SER B 161 -16.22 26.30 -9.40
CA SER B 161 -17.31 25.75 -10.22
C SER B 161 -17.91 26.84 -11.11
N ALA B 162 -18.13 28.02 -10.54
CA ALA B 162 -18.66 29.15 -11.31
C ALA B 162 -17.74 29.51 -12.47
N HIS B 163 -16.44 29.49 -12.20
CA HIS B 163 -15.42 29.76 -13.22
C HIS B 163 -15.45 28.71 -14.34
N GLY B 164 -15.78 27.48 -13.98
CA GLY B 164 -15.87 26.37 -14.92
C GLY B 164 -14.66 25.43 -14.86
N ALA B 165 -13.82 25.61 -13.84
CA ALA B 165 -12.60 24.80 -13.70
C ALA B 165 -12.86 23.53 -12.91
N TYR B 166 -11.87 22.62 -12.95
CA TYR B 166 -11.89 21.42 -12.12
C TYR B 166 -11.25 21.75 -10.78
N LEU B 167 -11.73 21.12 -9.71
CA LEU B 167 -11.16 21.33 -8.38
C LEU B 167 -10.60 20.02 -7.86
N ILE B 168 -9.32 20.06 -7.44
CA ILE B 168 -8.68 18.93 -6.73
C ILE B 168 -8.52 19.36 -5.27
N VAL B 169 -9.07 18.56 -4.37
CA VAL B 169 -9.02 18.86 -2.94
C VAL B 169 -8.26 17.78 -2.19
N ASP B 170 -7.32 18.20 -1.35
CA ASP B 170 -6.66 17.30 -0.40
C ASP B 170 -7.40 17.47 0.93
N ALA B 171 -8.21 16.47 1.28
CA ALA B 171 -8.91 16.44 2.58
C ALA B 171 -8.44 15.26 3.45
N VAL B 172 -7.16 14.88 3.31
CA VAL B 172 -6.66 13.70 4.01
C VAL B 172 -6.79 13.82 5.55
N SER B 173 -6.51 15.01 6.07
CA SER B 173 -6.46 15.21 7.52
C SER B 173 -7.69 15.96 8.05
N SER B 174 -8.74 16.09 7.23
CA SER B 174 -9.97 16.74 7.66
C SER B 174 -11.18 15.82 7.61
N PHE B 175 -11.26 15.01 6.55
CA PHE B 175 -12.40 14.12 6.43
C PHE B 175 -12.54 13.20 7.65
N GLY B 176 -13.77 13.08 8.15
CA GLY B 176 -14.07 12.24 9.31
C GLY B 176 -13.86 12.94 10.64
N GLY B 177 -13.18 14.10 10.63
CA GLY B 177 -12.95 14.88 11.86
C GLY B 177 -13.66 16.22 11.92
N MET B 178 -14.28 16.60 10.81
CA MET B 178 -15.09 17.83 10.75
C MET B 178 -16.02 17.69 9.56
N LYS B 179 -17.00 18.58 9.44
CA LYS B 179 -17.92 18.53 8.30
C LYS B 179 -17.19 18.86 7.01
N THR B 180 -17.04 17.84 6.17
CA THR B 180 -16.53 18.03 4.82
C THR B 180 -16.85 16.80 3.99
N HIS B 181 -17.26 17.03 2.75
CA HIS B 181 -17.60 15.98 1.78
C HIS B 181 -17.30 16.49 0.39
N PRO B 182 -17.00 15.57 -0.55
CA PRO B 182 -16.78 15.99 -1.94
C PRO B 182 -17.83 16.95 -2.48
N GLU B 183 -19.11 16.65 -2.26
CA GLU B 183 -20.28 17.45 -2.73
CA GLU B 183 -20.10 17.50 -2.88
C GLU B 183 -20.29 18.85 -2.16
N ASP B 184 -19.89 18.96 -0.88
CA ASP B 184 -19.91 20.24 -0.15
C ASP B 184 -19.05 21.31 -0.83
N CYS B 185 -17.95 20.90 -1.45
CA CYS B 185 -17.01 21.83 -2.05
C CYS B 185 -16.92 21.69 -3.57
N LYS B 186 -17.89 20.97 -4.16
CA LYS B 186 -17.93 20.77 -5.61
C LYS B 186 -16.60 20.21 -6.12
N ALA B 187 -16.06 19.26 -5.36
CA ALA B 187 -14.79 18.66 -5.74
C ALA B 187 -14.93 17.79 -6.98
N ASP B 188 -13.96 17.89 -7.89
CA ASP B 188 -13.86 16.95 -9.01
C ASP B 188 -13.01 15.74 -8.64
N ILE B 189 -11.93 15.98 -7.89
CA ILE B 189 -11.15 14.94 -7.24
CA ILE B 189 -11.19 14.91 -7.23
C ILE B 189 -11.05 15.33 -5.77
N TYR B 190 -11.49 14.46 -4.87
CA TYR B 190 -11.42 14.73 -3.45
C TYR B 190 -10.64 13.57 -2.83
N VAL B 191 -9.43 13.87 -2.36
CA VAL B 191 -8.52 12.83 -1.87
C VAL B 191 -8.54 12.81 -0.36
N THR B 192 -8.86 11.63 0.19
CA THR B 192 -8.71 11.42 1.61
C THR B 192 -8.24 9.99 1.88
N GLY B 193 -8.27 9.60 3.15
CA GLY B 193 -7.74 8.29 3.55
C GLY B 193 -8.15 8.06 4.98
N PRO B 194 -8.03 6.82 5.45
CA PRO B 194 -8.46 6.52 6.83
C PRO B 194 -7.37 6.73 7.90
N ASN B 195 -6.21 7.21 7.49
CA ASN B 195 -5.00 7.20 8.32
C ASN B 195 -4.78 8.46 9.17
N LYS B 196 -5.82 9.29 9.25
CA LYS B 196 -5.80 10.45 10.13
C LYS B 196 -7.01 10.36 11.07
N CYS B 197 -8.05 11.17 10.82
CA CYS B 197 -9.23 11.18 11.71
C CYS B 197 -9.98 9.84 11.85
N LEU B 198 -9.93 8.99 10.82
CA LEU B 198 -10.70 7.75 10.87
C LEU B 198 -10.05 6.63 11.69
N GLY B 199 -8.81 6.84 12.14
CA GLY B 199 -8.18 5.92 13.10
C GLY B 199 -7.78 4.55 12.55
N ALA B 200 -7.36 4.52 11.29
CA ALA B 200 -6.76 3.29 10.69
C ALA B 200 -5.31 3.57 10.35
N PRO B 201 -4.48 2.52 10.14
CA PRO B 201 -3.11 2.80 9.74
C PRO B 201 -2.96 3.29 8.28
N PRO B 202 -1.76 3.76 7.91
CA PRO B 202 -1.53 4.20 6.54
C PRO B 202 -1.52 3.04 5.59
N GLY B 203 -2.12 3.22 4.41
CA GLY B 203 -2.06 2.19 3.36
C GLY B 203 -3.08 2.28 2.25
N LEU B 204 -4.20 2.97 2.50
CA LEU B 204 -5.26 3.14 1.50
C LEU B 204 -5.61 4.59 1.25
N THR B 205 -6.16 4.83 0.05
CA THR B 205 -6.68 6.13 -0.36
C THR B 205 -8.17 6.00 -0.66
N MET B 206 -8.97 6.96 -0.18
CA MET B 206 -10.38 7.05 -0.57
C MET B 206 -10.56 8.30 -1.41
N MET B 207 -11.03 8.13 -2.64
CA MET B 207 -11.06 9.23 -3.59
C MET B 207 -12.43 9.48 -4.19
N GLY B 208 -12.98 10.67 -3.96
CA GLY B 208 -14.21 11.05 -4.66
C GLY B 208 -13.83 11.52 -6.06
N VAL B 209 -14.58 11.08 -7.06
CA VAL B 209 -14.29 11.47 -8.45
C VAL B 209 -15.58 11.88 -9.14
N SER B 210 -15.64 13.12 -9.62
CA SER B 210 -16.86 13.56 -10.32
C SER B 210 -16.99 12.91 -11.68
N GLU B 211 -18.23 12.81 -12.18
CA GLU B 211 -18.41 12.35 -13.55
C GLU B 211 -17.56 13.15 -14.55
N ARG B 212 -17.49 14.48 -14.39
CA ARG B 212 -16.71 15.32 -15.30
C ARG B 212 -15.21 14.96 -15.22
N ALA B 213 -14.73 14.69 -14.02
CA ALA B 213 -13.33 14.26 -13.83
C ALA B 213 -13.06 12.91 -14.52
N TRP B 214 -13.98 11.97 -14.38
CA TRP B 214 -13.86 10.70 -15.07
C TRP B 214 -13.68 10.90 -16.57
N ALA B 215 -14.51 11.74 -17.16
CA ALA B 215 -14.45 11.95 -18.60
C ALA B 215 -13.14 12.60 -19.03
N LYS B 216 -12.64 13.53 -18.21
CA LYS B 216 -11.39 14.23 -18.53
C LYS B 216 -10.21 13.25 -18.43
N MET B 217 -10.15 12.48 -17.35
CA MET B 217 -9.04 11.51 -17.16
C MET B 217 -9.05 10.41 -18.23
N LYS B 218 -10.24 9.89 -18.54
CA LYS B 218 -10.35 8.79 -19.51
C LYS B 218 -10.01 9.26 -20.93
N ALA B 219 -10.21 10.54 -21.21
CA ALA B 219 -9.86 11.08 -22.51
C ALA B 219 -8.35 11.33 -22.68
N ASN B 220 -7.65 11.54 -21.57
CA ASN B 220 -6.29 12.05 -21.57
C ASN B 220 -5.28 10.94 -21.93
N PRO B 221 -4.62 11.05 -23.12
CA PRO B 221 -3.62 10.02 -23.47
C PRO B 221 -2.48 9.89 -22.46
N LEU B 222 -2.22 10.95 -21.69
CA LEU B 222 -1.12 10.95 -20.73
C LEU B 222 -1.51 10.43 -19.35
N ALA B 223 -2.80 10.15 -19.13
CA ALA B 223 -3.22 9.64 -17.82
C ALA B 223 -2.64 8.24 -17.61
N PRO B 224 -2.07 7.99 -16.41
CA PRO B 224 -1.51 6.65 -16.17
C PRO B 224 -2.54 5.51 -16.34
N ARG B 225 -2.10 4.48 -17.08
CA ARG B 225 -2.83 3.23 -17.26
CA ARG B 225 -2.84 3.23 -17.25
C ARG B 225 -1.82 2.11 -17.10
N ALA B 226 -2.26 0.96 -16.58
CA ALA B 226 -1.35 -0.15 -16.25
C ALA B 226 -0.20 0.39 -15.38
N SER B 227 -0.58 1.03 -14.28
CA SER B 227 0.38 1.70 -13.42
C SER B 227 -0.20 1.81 -12.03
N MET B 228 0.68 1.84 -11.04
CA MET B 228 0.31 2.15 -9.67
C MET B 228 -0.35 3.52 -9.60
N LEU B 229 0.01 4.41 -10.53
CA LEU B 229 -0.52 5.77 -10.53
C LEU B 229 -1.84 5.89 -11.26
N SER B 230 -2.41 4.77 -11.70
CA SER B 230 -3.66 4.82 -12.47
C SER B 230 -4.91 4.90 -11.60
N ILE B 231 -5.72 5.94 -11.84
CA ILE B 231 -7.07 6.01 -11.32
C ILE B 231 -8.02 5.32 -12.28
N VAL B 232 -7.83 5.55 -13.58
CA VAL B 232 -8.75 5.01 -14.57
C VAL B 232 -8.84 3.48 -14.55
N ASP B 233 -7.73 2.79 -14.25
CA ASP B 233 -7.74 1.32 -14.20
C ASP B 233 -8.74 0.80 -13.15
N TRP B 234 -8.97 1.60 -12.09
CA TRP B 234 -9.76 1.19 -10.92
C TRP B 234 -11.24 1.58 -10.96
N GLU B 235 -11.67 2.19 -12.06
CA GLU B 235 -13.06 2.68 -12.16
C GLU B 235 -14.14 1.66 -11.74
N ASN B 236 -13.97 0.40 -12.14
CA ASN B 236 -15.03 -0.61 -12.00
C ASN B 236 -14.71 -1.64 -10.93
N ALA B 237 -13.57 -1.47 -10.25
CA ALA B 237 -13.08 -2.49 -9.31
C ALA B 237 -13.96 -2.67 -8.06
N TRP B 238 -14.85 -1.73 -7.79
CA TRP B 238 -15.74 -1.81 -6.63
C TRP B 238 -16.69 -3.01 -6.76
N SER B 239 -16.99 -3.41 -8.00
CA SER B 239 -18.04 -4.39 -8.25
C SER B 239 -17.60 -5.81 -7.96
N ARG B 240 -18.45 -6.54 -7.22
CA ARG B 240 -18.16 -7.94 -6.88
C ARG B 240 -17.97 -8.83 -8.11
N ASP B 241 -18.39 -8.34 -9.28
CA ASP B 241 -18.32 -9.08 -10.52
C ASP B 241 -17.15 -8.66 -11.41
N LYS B 242 -16.29 -7.79 -10.88
CA LYS B 242 -15.17 -7.26 -11.66
C LYS B 242 -13.79 -7.58 -11.06
N PRO B 243 -12.76 -7.66 -11.92
CA PRO B 243 -11.42 -7.93 -11.42
C PRO B 243 -10.79 -6.72 -10.74
N PHE B 244 -9.68 -6.96 -10.04
CA PHE B 244 -8.85 -5.91 -9.47
C PHE B 244 -7.66 -5.72 -10.42
N PRO B 245 -7.33 -4.45 -10.77
CA PRO B 245 -6.14 -4.18 -11.60
C PRO B 245 -4.85 -4.84 -11.05
N PHE B 246 -4.65 -4.76 -9.74
CA PHE B 246 -3.61 -5.52 -9.06
C PHE B 246 -4.13 -5.89 -7.69
N THR B 247 -3.38 -6.70 -6.95
CA THR B 247 -3.91 -7.28 -5.72
C THR B 247 -4.19 -6.20 -4.67
N PRO B 248 -5.46 -6.13 -4.21
CA PRO B 248 -5.77 -5.15 -3.17
C PRO B 248 -5.14 -5.49 -1.83
N SER B 249 -4.93 -4.46 -1.00
CA SER B 249 -4.31 -4.65 0.31
C SER B 249 -5.38 -5.21 1.24
N VAL B 250 -5.51 -6.53 1.21
CA VAL B 250 -6.66 -7.21 1.84
C VAL B 250 -6.81 -6.88 3.32
N SER B 251 -5.72 -6.91 4.08
CA SER B 251 -5.82 -6.63 5.51
C SER B 251 -6.18 -5.17 5.75
N GLU B 252 -5.62 -4.26 4.94
CA GLU B 252 -5.99 -2.83 5.07
C GLU B 252 -7.47 -2.61 4.78
N ILE B 253 -8.00 -3.37 3.83
CA ILE B 253 -9.44 -3.30 3.52
C ILE B 253 -10.27 -3.77 4.73
N ASN B 254 -9.83 -4.84 5.38
CA ASN B 254 -10.48 -5.28 6.62
C ASN B 254 -10.45 -4.20 7.69
N GLY B 255 -9.34 -3.50 7.82
CA GLY B 255 -9.26 -2.37 8.74
C GLY B 255 -10.19 -1.23 8.38
N LEU B 256 -10.22 -0.88 7.10
CA LEU B 256 -11.08 0.19 6.60
C LEU B 256 -12.55 -0.15 6.86
N ASP B 257 -12.91 -1.41 6.66
CA ASP B 257 -14.29 -1.89 6.90
C ASP B 257 -14.72 -1.54 8.32
N VAL B 258 -13.87 -1.88 9.29
CA VAL B 258 -14.11 -1.60 10.69
C VAL B 258 -14.13 -0.08 10.94
N ALA B 259 -13.14 0.64 10.40
CA ALA B 259 -13.06 2.09 10.63
C ALA B 259 -14.33 2.80 10.15
N LEU B 260 -14.84 2.39 9.00
CA LEU B 260 -16.09 2.97 8.49
C LEU B 260 -17.30 2.62 9.36
N ASP B 261 -17.36 1.38 9.82
CA ASP B 261 -18.44 0.97 10.74
C ASP B 261 -18.43 1.85 12.00
N LEU B 262 -17.23 2.09 12.56
CA LEU B 262 -17.14 2.85 13.80
C LEU B 262 -17.65 4.27 13.59
N TYR B 263 -17.21 4.87 12.49
CA TYR B 263 -17.60 6.23 12.15
C TYR B 263 -19.10 6.34 11.93
N LEU B 264 -19.64 5.48 11.08
CA LEU B 264 -21.06 5.50 10.74
C LEU B 264 -21.95 5.18 11.94
N ASN B 265 -21.50 4.26 12.78
CA ASN B 265 -22.29 3.86 13.95
C ASN B 265 -22.29 4.93 15.03
N GLU B 266 -21.15 5.57 15.24
CA GLU B 266 -21.09 6.64 16.23
C GLU B 266 -21.94 7.83 15.80
N GLY B 267 -21.98 8.10 14.50
CA GLY B 267 -22.65 9.27 13.97
C GLY B 267 -21.60 10.31 13.64
N PRO B 268 -21.45 10.60 12.33
CA PRO B 268 -20.45 11.57 11.90
C PRO B 268 -20.49 12.89 12.65
N GLU B 269 -21.69 13.48 12.85
CA GLU B 269 -21.81 14.75 13.58
CA GLU B 269 -21.78 14.76 13.57
C GLU B 269 -21.21 14.66 14.99
N ALA B 270 -21.51 13.56 15.67
CA ALA B 270 -20.98 13.34 17.02
C ALA B 270 -19.46 13.20 16.99
N VAL B 271 -18.96 12.49 15.97
CA VAL B 271 -17.52 12.36 15.81
C VAL B 271 -16.87 13.72 15.57
N TRP B 272 -17.42 14.52 14.65
CA TRP B 272 -16.85 15.86 14.43
C TRP B 272 -16.89 16.69 15.71
N ALA B 273 -17.97 16.60 16.46
CA ALA B 273 -18.09 17.41 17.69
C ALA B 273 -16.96 17.14 18.68
N ARG B 274 -16.59 15.87 18.87
CA ARG B 274 -15.54 15.57 19.87
C ARG B 274 -14.14 15.93 19.36
N HIS B 275 -13.91 15.87 18.05
CA HIS B 275 -12.67 16.41 17.50
C HIS B 275 -12.57 17.92 17.85
N ALA B 276 -13.62 18.68 17.47
CA ALA B 276 -13.62 20.14 17.68
C ALA B 276 -13.50 20.54 19.14
N LEU B 277 -14.17 19.80 20.02
CA LEU B 277 -14.10 20.09 21.45
C LEU B 277 -12.72 19.81 22.02
N THR B 278 -12.10 18.70 21.60
CA THR B 278 -10.75 18.38 22.05
C THR B 278 -9.78 19.49 21.63
N ALA B 279 -9.87 19.89 20.36
CA ALA B 279 -9.07 20.98 19.80
C ALA B 279 -9.33 22.32 20.52
N LYS B 280 -10.60 22.64 20.75
CA LYS B 280 -10.96 23.90 21.40
C LYS B 280 -10.38 23.95 22.81
N ALA B 281 -10.51 22.85 23.54
CA ALA B 281 -9.92 22.74 24.88
C ALA B 281 -8.39 22.89 24.83
N MET B 282 -7.77 22.25 23.84
CA MET B 282 -6.33 22.36 23.65
C MET B 282 -5.90 23.82 23.46
N ARG B 283 -6.55 24.51 22.54
CA ARG B 283 -6.18 25.90 22.24
C ARG B 283 -6.36 26.80 23.45
N ALA B 284 -7.48 26.63 24.17
CA ALA B 284 -7.72 27.41 25.38
C ALA B 284 -6.60 27.21 26.41
N GLY B 285 -6.16 25.97 26.57
CA GLY B 285 -5.09 25.65 27.50
C GLY B 285 -3.74 26.22 27.09
N VAL B 286 -3.46 26.12 25.79
CA VAL B 286 -2.22 26.63 25.23
C VAL B 286 -2.11 28.13 25.53
N THR B 287 -3.15 28.87 25.19
CA THR B 287 -3.13 30.32 25.37
C THR B 287 -3.07 30.67 26.86
N ALA B 288 -3.85 29.98 27.67
CA ALA B 288 -3.90 30.29 29.11
C ALA B 288 -2.61 30.06 29.84
N MET B 289 -1.80 29.08 29.41
CA MET B 289 -0.55 28.83 30.10
C MET B 289 0.59 29.76 29.66
N GLY B 290 0.36 30.48 28.56
CA GLY B 290 1.34 31.45 28.08
C GLY B 290 1.99 31.16 26.74
N LEU B 291 1.46 30.16 26.03
CA LEU B 291 1.97 29.83 24.69
C LEU B 291 1.07 30.42 23.61
N SER B 292 1.50 30.35 22.36
CA SER B 292 0.72 30.86 21.24
C SER B 292 0.36 29.74 20.27
N VAL B 293 -0.93 29.69 19.92
CA VAL B 293 -1.37 28.86 18.81
C VAL B 293 -0.77 29.43 17.51
N TRP B 294 -0.32 28.54 16.64
CA TRP B 294 0.40 28.95 15.44
C TRP B 294 -0.51 29.73 14.47
N ALA B 295 -1.74 29.25 14.30
CA ALA B 295 -2.70 29.83 13.36
C ALA B 295 -2.83 31.34 13.54
N ALA B 296 -2.87 32.07 12.42
CA ALA B 296 -2.97 33.55 12.46
C ALA B 296 -4.22 34.01 13.21
N SER B 297 -5.25 33.20 13.19
CA SER B 297 -6.47 33.48 13.94
C SER B 297 -7.08 32.19 14.43
N ASP B 298 -7.76 32.25 15.57
CA ASP B 298 -8.47 31.08 16.10
C ASP B 298 -9.47 30.52 15.10
N SER B 299 -10.09 31.40 14.31
CA SER B 299 -11.11 30.97 13.35
C SER B 299 -10.63 30.00 12.29
N ILE B 300 -9.32 30.01 12.00
CA ILE B 300 -8.78 29.09 10.98
C ILE B 300 -8.04 27.89 11.57
N ALA B 301 -7.99 27.82 12.90
CA ALA B 301 -7.33 26.68 13.57
C ALA B 301 -8.10 25.39 13.34
N SER B 302 -7.36 24.31 13.08
CA SER B 302 -7.99 23.04 12.77
C SER B 302 -8.62 22.35 13.99
N PRO B 303 -9.81 21.75 13.80
CA PRO B 303 -10.40 20.96 14.90
C PRO B 303 -9.79 19.56 15.01
N THR B 304 -8.82 19.24 14.15
CA THR B 304 -8.20 17.88 14.18
C THR B 304 -6.69 17.89 14.48
N THR B 305 -6.10 19.09 14.62
CA THR B 305 -4.68 19.22 15.01
C THR B 305 -4.47 20.62 15.57
N THR B 306 -3.77 20.72 16.71
CA THR B 306 -3.35 22.01 17.23
C THR B 306 -1.87 22.17 17.02
N ALA B 307 -1.50 23.21 16.30
CA ALA B 307 -0.11 23.59 16.14
C ALA B 307 0.21 24.71 17.12
N VAL B 308 1.29 24.51 17.89
CA VAL B 308 1.70 25.43 18.93
C VAL B 308 3.05 26.02 18.53
N ARG B 309 3.09 27.35 18.41
CA ARG B 309 4.30 28.04 18.01
C ARG B 309 5.39 27.82 19.06
N THR B 310 6.59 27.46 18.59
CA THR B 310 7.73 27.32 19.48
C THR B 310 8.19 28.71 19.96
N PRO B 311 8.32 28.90 21.29
CA PRO B 311 8.82 30.20 21.73
C PRO B 311 10.20 30.44 21.14
N ASP B 312 10.49 31.68 20.73
CA ASP B 312 11.78 31.98 20.11
C ASP B 312 12.85 31.57 21.11
N GLY B 313 13.86 30.84 20.67
CA GLY B 313 14.93 30.45 21.59
C GLY B 313 14.81 29.02 22.09
N VAL B 314 13.60 28.45 22.05
CA VAL B 314 13.43 27.06 22.43
C VAL B 314 13.78 26.13 21.28
N ASP B 315 14.46 25.03 21.59
CA ASP B 315 14.82 24.00 20.60
C ASP B 315 13.65 23.03 20.48
N GLU B 316 12.92 23.11 19.37
CA GLU B 316 11.67 22.37 19.23
C GLU B 316 11.90 20.85 19.18
N LYS B 317 12.96 20.42 18.50
CA LYS B 317 13.32 19.00 18.47
C LYS B 317 13.57 18.48 19.88
N ALA B 318 14.40 19.20 20.63
CA ALA B 318 14.71 18.83 22.01
C ALA B 318 13.46 18.81 22.89
N LEU B 319 12.55 19.75 22.64
CA LEU B 319 11.26 19.81 23.33
C LEU B 319 10.45 18.51 23.16
N ARG B 320 10.28 18.06 21.92
CA ARG B 320 9.53 16.81 21.66
C ARG B 320 10.24 15.62 22.28
N GLN B 321 11.57 15.64 22.19
CA GLN B 321 12.38 14.59 22.81
C GLN B 321 12.15 14.54 24.30
N ALA B 322 12.10 15.72 24.94
CA ALA B 322 11.86 15.82 26.38
C ALA B 322 10.45 15.39 26.77
N ALA B 323 9.44 15.77 25.98
CA ALA B 323 8.06 15.33 26.27
C ALA B 323 7.94 13.80 26.30
N ARG B 324 8.62 13.13 25.37
CA ARG B 324 8.56 11.66 25.33
C ARG B 324 9.42 11.08 26.46
N ALA B 325 10.61 11.63 26.66
CA ALA B 325 11.54 11.07 27.65
C ALA B 325 11.02 11.25 29.06
N ARG B 326 10.40 12.40 29.33
CA ARG B 326 9.93 12.72 30.68
C ARG B 326 8.56 12.13 30.97
N TYR B 327 7.65 12.21 29.99
CA TYR B 327 6.23 11.95 30.22
C TYR B 327 5.66 10.80 29.40
N GLY B 328 6.45 10.28 28.46
CA GLY B 328 5.97 9.19 27.59
C GLY B 328 4.94 9.64 26.57
N VAL B 329 4.90 10.95 26.30
CA VAL B 329 3.89 11.50 25.38
C VAL B 329 4.56 11.96 24.09
N VAL B 330 4.02 11.51 22.96
CA VAL B 330 4.65 11.78 21.67
C VAL B 330 3.83 12.79 20.85
N PHE B 331 4.50 13.88 20.47
CA PHE B 331 3.92 14.90 19.58
C PHE B 331 4.54 14.82 18.18
N SER B 332 3.85 15.42 17.21
CA SER B 332 4.39 15.54 15.85
C SER B 332 5.27 16.78 15.73
N SER B 333 6.34 16.67 14.94
CA SER B 333 7.09 17.85 14.53
C SER B 333 6.28 18.60 13.48
N GLY B 334 6.78 19.77 13.10
CA GLY B 334 6.34 20.38 11.84
C GLY B 334 6.92 19.60 10.68
N ARG B 335 6.76 20.15 9.48
CA ARG B 335 7.33 19.52 8.28
C ARG B 335 7.79 20.62 7.37
N GLY B 336 8.84 20.37 6.58
CA GLY B 336 9.27 21.35 5.60
C GLY B 336 9.45 22.71 6.24
N GLU B 337 8.76 23.72 5.71
CA GLU B 337 8.92 25.09 6.23
C GLU B 337 8.34 25.32 7.62
N THR B 338 7.58 24.37 8.17
CA THR B 338 7.18 24.51 9.58
C THR B 338 8.04 23.72 10.56
N LEU B 339 8.99 22.93 10.06
CA LEU B 339 9.87 22.21 10.94
C LEU B 339 10.71 23.17 11.77
N GLY B 340 10.70 22.96 13.09
CA GLY B 340 11.42 23.81 14.03
C GLY B 340 10.65 25.03 14.50
N LYS B 341 9.54 25.33 13.83
CA LYS B 341 8.74 26.54 14.10
C LYS B 341 7.59 26.30 15.06
N LEU B 342 7.16 25.04 15.15
CA LEU B 342 5.96 24.68 15.92
C LEU B 342 5.96 23.21 16.32
N THR B 343 5.10 22.87 17.27
CA THR B 343 4.85 21.48 17.67
C THR B 343 3.39 21.16 17.36
N ARG B 344 3.10 19.95 16.87
CA ARG B 344 1.71 19.58 16.56
C ARG B 344 1.19 18.52 17.49
N ILE B 345 -0.03 18.76 17.96
CA ILE B 345 -0.76 17.78 18.77
C ILE B 345 -1.98 17.35 17.95
N GLY B 346 -2.00 16.08 17.58
CA GLY B 346 -3.12 15.56 16.81
C GLY B 346 -4.33 15.32 17.70
N HIS B 347 -5.52 15.61 17.17
CA HIS B 347 -6.77 15.24 17.84
C HIS B 347 -7.53 14.47 16.77
N MET B 348 -7.25 13.17 16.69
CA MET B 348 -7.67 12.40 15.54
C MET B 348 -8.16 11.02 15.94
N GLY B 349 -9.39 10.69 15.57
CA GLY B 349 -9.89 9.34 15.86
C GLY B 349 -9.87 9.07 17.35
N PRO B 350 -9.15 8.01 17.78
CA PRO B 350 -9.18 7.70 19.22
C PRO B 350 -8.60 8.80 20.14
N THR B 351 -7.77 9.69 19.62
CA THR B 351 -7.25 10.79 20.44
C THR B 351 -8.12 12.06 20.41
N ALA B 352 -9.24 12.02 19.67
CA ALA B 352 -10.20 13.13 19.66
C ALA B 352 -11.18 12.92 20.82
N GLN B 353 -10.62 12.92 22.02
CA GLN B 353 -11.38 12.88 23.26
C GLN B 353 -10.76 13.96 24.14
N PRO B 354 -11.59 14.83 24.74
CA PRO B 354 -11.00 15.95 25.46
C PRO B 354 -9.98 15.63 26.57
N ILE B 355 -10.10 14.48 27.25
CA ILE B 355 -9.10 14.15 28.28
C ILE B 355 -7.65 14.12 27.71
N TYR B 356 -7.52 13.80 26.41
CA TYR B 356 -6.18 13.77 25.82
C TYR B 356 -5.59 15.18 25.66
N ALA B 357 -6.45 16.17 25.53
CA ALA B 357 -5.97 17.57 25.51
C ALA B 357 -5.30 17.88 26.85
N ILE B 358 -5.89 17.39 27.94
CA ILE B 358 -5.33 17.59 29.28
C ILE B 358 -3.94 16.96 29.39
N ALA B 359 -3.81 15.73 28.93
CA ALA B 359 -2.52 15.04 28.92
C ALA B 359 -1.50 15.79 28.05
N ALA B 360 -1.93 16.21 26.85
CA ALA B 360 -1.02 16.91 25.93
C ALA B 360 -0.53 18.22 26.56
N LEU B 361 -1.45 18.96 27.18
CA LEU B 361 -1.09 20.25 27.76
C LEU B 361 -0.05 20.10 28.85
N THR B 362 -0.20 19.06 29.66
CA THR B 362 0.70 18.86 30.79
C THR B 362 2.10 18.46 30.33
N ALA B 363 2.17 17.55 29.35
CA ALA B 363 3.48 17.12 28.81
C ALA B 363 4.17 18.26 28.04
N LEU B 364 3.39 18.99 27.24
CA LEU B 364 3.91 20.12 26.46
C LEU B 364 4.41 21.21 27.41
N GLY B 365 3.55 21.62 28.35
CA GLY B 365 3.94 22.59 29.38
C GLY B 365 5.15 22.16 30.20
N GLY B 366 5.15 20.90 30.65
CA GLY B 366 6.26 20.39 31.46
C GLY B 366 7.57 20.42 30.70
N ALA B 367 7.51 20.07 29.41
CA ALA B 367 8.69 20.07 28.56
C ALA B 367 9.20 21.49 28.30
N MET B 368 8.26 22.42 28.08
CA MET B 368 8.59 23.84 27.87
C MET B 368 9.26 24.38 29.12
N ASN B 369 8.68 24.08 30.28
CA ASN B 369 9.26 24.57 31.52
C ASN B 369 10.63 23.96 31.79
N ALA B 370 10.82 22.69 31.44
CA ALA B 370 12.15 22.07 31.56
C ALA B 370 13.18 22.77 30.66
N ALA B 371 12.72 23.39 29.57
CA ALA B 371 13.58 24.16 28.67
C ALA B 371 13.72 25.62 29.12
N GLY B 372 13.29 25.90 30.35
CA GLY B 372 13.47 27.23 30.91
C GLY B 372 12.31 28.21 30.76
N ARG B 373 11.20 27.79 30.15
CA ARG B 373 10.03 28.66 30.11
C ARG B 373 9.37 28.69 31.50
N LYS B 374 8.46 29.63 31.68
CA LYS B 374 7.82 29.84 32.97
C LYS B 374 6.32 29.87 32.75
N LEU B 375 5.81 28.78 32.18
CA LEU B 375 4.41 28.68 31.82
C LEU B 375 3.53 28.41 33.03
N ALA B 376 2.32 28.95 32.99
CA ALA B 376 1.34 28.71 34.04
C ALA B 376 0.54 27.44 33.70
N ILE B 377 1.13 26.28 33.97
CA ILE B 377 0.54 25.02 33.51
C ILE B 377 -0.84 24.78 34.13
N GLY B 378 -0.94 25.01 35.44
CA GLY B 378 -2.24 24.87 36.16
C GLY B 378 -3.35 25.70 35.55
N LYS B 379 -3.02 26.97 35.26
CA LYS B 379 -3.96 27.87 34.58
C LYS B 379 -4.37 27.28 33.21
N GLY B 380 -3.41 26.72 32.49
CA GLY B 380 -3.67 26.04 31.22
C GLY B 380 -4.68 24.91 31.34
N ILE B 381 -4.44 24.00 32.29
CA ILE B 381 -5.36 22.87 32.54
C ILE B 381 -6.75 23.36 32.92
N GLU B 382 -6.81 24.38 33.78
CA GLU B 382 -8.10 24.92 34.22
C GLU B 382 -8.90 25.52 33.08
N ALA B 383 -8.22 26.20 32.15
CA ALA B 383 -8.89 26.79 30.97
C ALA B 383 -9.41 25.71 30.03
N ALA B 384 -8.62 24.65 29.85
CA ALA B 384 -9.04 23.52 29.02
C ALA B 384 -10.27 22.84 29.63
N LEU B 385 -10.19 22.61 30.95
CA LEU B 385 -11.29 22.01 31.67
C LEU B 385 -12.56 22.87 31.60
N ALA B 386 -12.40 24.19 31.69
CA ALA B 386 -13.55 25.10 31.59
C ALA B 386 -14.26 24.97 30.24
N VAL B 387 -13.49 24.79 29.16
CA VAL B 387 -14.05 24.53 27.85
C VAL B 387 -14.85 23.22 27.85
N ILE B 388 -14.27 22.17 28.44
CA ILE B 388 -14.95 20.88 28.48
C ILE B 388 -16.26 21.00 29.25
N ASP B 389 -16.17 21.63 30.42
CA ASP B 389 -17.31 21.76 31.29
C ASP B 389 -18.41 22.67 30.73
N ALA B 390 -18.03 23.62 29.88
CA ALA B 390 -18.97 24.57 29.28
C ALA B 390 -19.71 23.98 28.09
N ASP B 391 -19.20 22.89 27.53
CA ASP B 391 -19.72 22.40 26.25
C ASP B 391 -21.19 22.03 26.35
N ALA B 392 -21.98 22.60 25.45
CA ALA B 392 -23.43 22.44 25.47
C ALA B 392 -23.86 21.35 24.53
S SO4 C . -2.50 -14.10 -10.08
O1 SO4 C . -1.16 -14.66 -10.04
O2 SO4 C . -3.30 -14.52 -8.94
O3 SO4 C . -2.48 -12.64 -10.17
O4 SO4 C . -3.17 -14.63 -11.27
S SO4 D . 19.46 10.64 -6.50
O1 SO4 D . 19.85 10.12 -7.82
O2 SO4 D . 19.76 9.66 -5.46
O3 SO4 D . 20.26 11.85 -6.26
O4 SO4 D . 18.03 11.01 -6.49
S SO4 E . -0.34 -18.71 17.01
O1 SO4 E . -0.15 -19.72 15.97
O2 SO4 E . -0.79 -19.33 18.24
O3 SO4 E . 0.92 -18.05 17.29
O4 SO4 E . -1.34 -17.74 16.56
OP4 PXL F . 2.57 -9.33 -6.19
C5A PXL F . 2.49 -9.29 -7.61
C5 PXL F . 3.09 -10.54 -8.28
C6 PXL F . 4.11 -10.35 -9.20
N1 PXL F . 4.66 -11.39 -9.82
C2 PXL F . 4.25 -12.66 -9.62
C3 PXL F . 3.24 -12.91 -8.69
C4 PXL F . 2.64 -11.83 -8.02
C4A PXL F . 1.53 -12.06 -7.02
O3 PXL F . 2.81 -14.18 -8.47
C2A PXL F . 4.95 -13.79 -10.37
C1 GOL G . 10.34 -34.79 -16.94
O1 GOL G . 10.56 -33.98 -15.78
C2 GOL G . 9.01 -35.55 -16.96
O2 GOL G . 8.77 -36.05 -18.26
C3 GOL G . 7.82 -34.63 -16.71
O3 GOL G . 6.61 -35.34 -16.64
C1 GOL H . 2.99 -6.21 -16.11
O1 GOL H . 2.60 -7.01 -15.02
C2 GOL H . 1.84 -5.29 -16.54
O2 GOL H . 0.82 -6.08 -17.08
C3 GOL H . 2.35 -4.30 -17.59
O3 GOL H . 1.26 -3.77 -18.31
C1 GOL I . 7.56 12.68 5.37
O1 GOL I . 8.64 12.97 6.25
C2 GOL I . 6.36 12.19 6.16
O2 GOL I . 6.23 12.95 7.35
C3 GOL I . 6.57 10.72 6.55
O3 GOL I . 5.43 10.30 7.29
S SO4 J . 3.03 14.60 8.18
O1 SO4 J . 2.19 13.41 8.22
O2 SO4 J . 3.51 14.85 9.52
O3 SO4 J . 4.14 14.44 7.24
O4 SO4 J . 2.22 15.72 7.74
S SO4 K . 17.56 4.40 24.72
O1 SO4 K . 16.98 5.71 25.03
O2 SO4 K . 18.01 3.77 25.96
O3 SO4 K . 16.56 3.54 24.08
O4 SO4 K . 18.68 4.59 23.80
S SO4 L . 7.96 34.18 22.02
O1 SO4 L . 6.54 33.85 21.92
O2 SO4 L . 8.52 33.57 23.23
O3 SO4 L . 8.65 33.72 20.80
O4 SO4 L . 8.13 35.63 22.13
S SO4 M . -12.21 -2.59 22.38
O1 SO4 M . -13.18 -3.54 22.91
O2 SO4 M . -12.26 -1.34 23.13
O3 SO4 M . -10.87 -3.18 22.45
O4 SO4 M . -12.50 -2.31 20.98
OP4 PXL N . -1.54 10.88 3.78
C5A PXL N . -0.84 11.97 3.19
C5 PXL N . -1.40 13.32 3.64
C6 PXL N . -1.70 14.20 2.60
N1 PXL N . -2.19 15.42 2.86
C2 PXL N . -2.37 15.84 4.12
C3 PXL N . -2.08 15.01 5.20
C4 PXL N . -1.59 13.71 4.97
C4A PXL N . -1.30 12.80 6.14
O3 PXL N . -2.27 15.41 6.50
C2A PXL N . -2.94 17.24 4.33
C1 GOL O . -9.17 35.21 17.14
O1 GOL O . -7.80 34.90 17.10
C2 GOL O . -9.52 36.15 15.99
O2 GOL O . -8.34 36.61 15.36
C3 GOL O . -10.46 35.51 14.95
O3 GOL O . -10.60 34.12 15.16
C1 GOL P . 4.32 15.95 -2.14
O1 GOL P . 3.10 16.38 -1.56
C2 GOL P . 4.90 17.09 -2.96
O2 GOL P . 5.99 17.63 -2.25
C3 GOL P . 5.32 16.64 -4.36
O3 GOL P . 6.70 16.86 -4.57
C1 GOL Q . -5.06 -9.32 -11.06
O1 GOL Q . -6.40 -9.66 -11.39
C2 GOL Q . -4.67 -10.03 -9.77
O2 GOL Q . -4.89 -11.43 -9.90
C3 GOL Q . -5.51 -9.46 -8.62
O3 GOL Q . -5.11 -10.10 -7.42
C1 GOL R . -2.77 7.04 22.45
O1 GOL R . -1.51 6.39 22.54
C2 GOL R . -3.84 6.13 23.06
O2 GOL R . -3.58 5.97 24.43
C3 GOL R . -5.22 6.73 22.83
O3 GOL R . -5.72 6.32 21.59
#